data_6TNS
#
_entry.id   6TNS
#
_cell.length_a   141.749
_cell.length_b   64.582
_cell.length_c   116.105
_cell.angle_alpha   90.000
_cell.angle_beta   103.100
_cell.angle_gamma   90.000
#
_symmetry.space_group_name_H-M   'C 1 2 1'
#
loop_
_entity.id
_entity.type
_entity.pdbx_description
1 polymer 'Phosphatidylinositol 4,5-bisphosphate 3-kinase catalytic subunit delta isoform'
2 non-polymer 2-methoxy-~{N}-[2-methoxy-5-[7-[[(2~{R})-4-(oxetan-3-yl)morpholin-2-yl]methoxy]-1,3-dihydro-2-benzofuran-5-yl]pyridin-3-yl]ethanesulfonamide
3 water water
#
_entity_poly.entity_id   1
_entity_poly.type   'polypeptide(L)'
_entity_poly.pdbx_seq_one_letter_code
;GGDRVKKLINSQISLLIGKGLHEFDSLRDPEVNDFRTKMRQFCEEAAAHRQQLGWVEWLQYSFPLQLEPSARGWRAGLLR
VSNRALLVNVKFEGSEESFTFQVSTKDMPLALMACALRKKATVFRQPLVEQPEEYALQVNGRHEYLYGNYPLCHFQYICS
CLHSGLTPHLTMVHSSSILAMRDEQSNPAPQVQKPRAKPPPIPAKKPSSVSLWSLEQPFSIELIEGRKVNADERMKLVVQ
AGLFHGNEMLCKTVSSSEVNVCSEPVWKQRLEFDISVCDLPRMARLCFALYAVVEKAKKARSTKKKSKKADCPIAWANLM
LFDYKDQLKTGERCLYMWPSVPDEKGELLNPAGTVRGNPNTESAAALVIYLPEVAPHPVYFPALEKILELGRHGERGRIT
EEEQLQLREILERRGSGELYEHEKDLVWKMRHEVQEHFPEALARLLLVTKWNKHEDVAQMLYLLCSWPELPVLSALELLD
FSFPDCYVGSFAIKSLRKLTDDELFQYLLQLVQVLKYESYLDCELTKFLLGRALANRKIGHFLFWHLRSEMHVPSVALRF
GLIMEAYCRGSTHHMKVLMKQGEALSKLKALNDFVKVSSQKTTKPQTKEMMHMCMRQETYMEALSHLQSPLDPSTLLEEV
CVEQCTFMDSKMKPLWIMYSSEEAGSAGNVGIIFKNGDDLRQDMLTLQMIQLMDVLWKQEGLDLRMTPYGCLPTGDRTGL
IEVVLHSDTIANIQLNKSNMAATAAFNKDALLNWLKSKNPGEALDRAIEEFTLSCAGYCVATYVLGIGDRHSDNIMIRES
GQLFHIDFGHFLGNFKTKFGINRERVPFILTYDFVHVIQQGKTNNSEKFERFRGYCERAYTILRRHGLLFLHLFALMRAA
GLPELSCSKDIQYLKDSLALGKTEEEALKHFRVKFNEALRESWKTKVNWLAHNVSKDNRQ
;
_entity_poly.pdbx_strand_id   A
#
loop_
_chem_comp.id
_chem_comp.type
_chem_comp.name
_chem_comp.formula
NQ5 non-polymer 2-methoxy-~{N}-[2-methoxy-5-[7-[[(2~{R})-4-(oxetan-3-yl)morpholin-2-yl]methoxy]-1,3-dihydro-2-benzofuran-5-yl]pyridin-3-yl]ethanesulfonamide 'C25 H33 N3 O8 S'
#
# COMPACT_ATOMS: atom_id res chain seq x y z
N ASP A 3 -14.96 13.64 30.88
CA ASP A 3 -14.23 14.08 32.06
C ASP A 3 -13.10 13.09 32.40
N ARG A 4 -13.40 12.09 33.27
CA ARG A 4 -12.46 11.02 33.66
C ARG A 4 -12.21 10.10 32.46
N VAL A 5 -13.20 10.02 31.54
CA VAL A 5 -13.17 9.18 30.34
C VAL A 5 -12.38 9.88 29.22
N LYS A 6 -12.56 11.21 29.08
CA LYS A 6 -11.85 12.12 28.15
C LYS A 6 -10.35 11.94 28.36
N LYS A 7 -9.94 11.97 29.65
CA LYS A 7 -8.57 11.81 30.12
C LYS A 7 -8.03 10.41 29.79
N LEU A 8 -8.84 9.35 30.05
CA LEU A 8 -8.44 7.97 29.76
C LEU A 8 -8.25 7.76 28.26
N ILE A 9 -9.25 8.11 27.45
CA ILE A 9 -9.18 7.97 25.99
C ILE A 9 -7.88 8.65 25.46
N ASN A 10 -7.59 9.90 25.92
CA ASN A 10 -6.38 10.70 25.59
C ASN A 10 -5.08 9.98 25.91
N SER A 11 -5.00 9.35 27.09
CA SER A 11 -3.82 8.58 27.47
C SER A 11 -3.73 7.28 26.65
N GLN A 12 -4.90 6.67 26.34
CA GLN A 12 -4.95 5.45 25.53
C GLN A 12 -4.52 5.70 24.07
N ILE A 13 -4.99 6.81 23.45
CA ILE A 13 -4.60 7.23 22.08
C ILE A 13 -3.08 7.45 22.07
N SER A 14 -2.53 8.07 23.15
CA SER A 14 -1.10 8.37 23.28
C SER A 14 -0.21 7.14 23.25
N LEU A 15 -0.60 6.12 24.01
CA LEU A 15 0.09 4.84 24.06
C LEU A 15 -0.10 4.12 22.75
N LEU A 16 -1.32 4.18 22.16
CA LEU A 16 -1.59 3.53 20.86
C LEU A 16 -0.71 4.04 19.70
N ILE A 17 -0.72 5.35 19.46
CA ILE A 17 -0.01 5.96 18.33
C ILE A 17 1.51 6.09 18.57
N GLY A 18 1.96 5.85 19.82
CA GLY A 18 3.37 5.92 20.18
C GLY A 18 3.93 7.33 20.31
N LYS A 19 3.06 8.30 20.66
CA LYS A 19 3.39 9.71 20.85
C LYS A 19 2.34 10.37 21.75
N GLY A 20 2.81 10.98 22.84
CA GLY A 20 2.00 11.70 23.81
C GLY A 20 1.25 12.86 23.15
N LEU A 21 -0.07 12.98 23.42
CA LEU A 21 -0.90 14.03 22.84
C LEU A 21 -0.45 15.45 23.23
N HIS A 22 0.18 15.59 24.43
CA HIS A 22 0.73 16.82 25.01
C HIS A 22 1.81 17.45 24.08
N GLU A 23 2.54 16.61 23.31
CA GLU A 23 3.57 17.01 22.35
C GLU A 23 3.01 17.79 21.16
N PHE A 24 1.74 17.60 20.83
CA PHE A 24 1.09 18.34 19.74
C PHE A 24 0.85 19.76 20.24
N ASP A 25 0.39 19.90 21.51
CA ASP A 25 0.13 21.19 22.16
C ASP A 25 1.40 22.00 22.36
N SER A 26 2.51 21.31 22.71
CA SER A 26 3.83 21.93 22.97
C SER A 26 4.45 22.63 21.76
N LEU A 27 4.04 22.26 20.53
CA LEU A 27 4.53 22.87 19.30
C LEU A 27 4.00 24.30 19.11
N ARG A 28 2.82 24.61 19.76
CA ARG A 28 2.08 25.88 19.72
C ARG A 28 1.96 26.30 18.25
N ASP A 29 1.55 25.34 17.42
CA ASP A 29 1.43 25.47 15.96
C ASP A 29 -0.05 25.61 15.54
N PRO A 30 -0.46 26.80 15.08
CA PRO A 30 -1.88 27.01 14.71
C PRO A 30 -2.45 26.06 13.67
N GLU A 31 -1.62 25.62 12.70
CA GLU A 31 -2.00 24.69 11.64
C GLU A 31 -2.28 23.32 12.25
N VAL A 32 -1.46 22.94 13.25
CA VAL A 32 -1.61 21.69 14.00
C VAL A 32 -2.90 21.75 14.83
N ASN A 33 -3.20 22.90 15.47
CA ASN A 33 -4.38 23.10 16.32
C ASN A 33 -5.67 23.08 15.54
N ASP A 34 -5.65 23.61 14.31
CA ASP A 34 -6.79 23.72 13.42
C ASP A 34 -7.16 22.39 12.86
N PHE A 35 -6.13 21.57 12.53
CA PHE A 35 -6.30 20.22 12.00
C PHE A 35 -6.96 19.36 13.05
N ARG A 36 -6.45 19.41 14.28
CA ARG A 36 -6.95 18.58 15.38
C ARG A 36 -8.41 18.87 15.65
N THR A 37 -8.77 20.16 15.70
CA THR A 37 -10.14 20.67 15.89
C THR A 37 -11.06 20.22 14.74
N LYS A 38 -10.69 20.53 13.48
CA LYS A 38 -11.45 20.21 12.27
C LYS A 38 -11.66 18.71 12.10
N MET A 39 -10.57 17.91 12.11
CA MET A 39 -10.60 16.46 11.93
C MET A 39 -11.29 15.74 13.07
N ARG A 40 -11.13 16.20 14.34
CA ARG A 40 -11.85 15.63 15.48
C ARG A 40 -13.35 15.75 15.21
N GLN A 41 -13.82 16.93 14.74
CA GLN A 41 -15.22 17.21 14.43
C GLN A 41 -15.70 16.29 13.31
N PHE A 42 -14.99 16.29 12.17
CA PHE A 42 -15.27 15.44 11.02
C PHE A 42 -15.40 13.96 11.38
N CYS A 43 -14.50 13.46 12.25
CA CYS A 43 -14.46 12.05 12.66
C CYS A 43 -15.55 11.70 13.66
N GLU A 44 -15.91 12.63 14.54
CA GLU A 44 -17.01 12.42 15.49
C GLU A 44 -18.37 12.36 14.77
N GLU A 45 -18.53 13.08 13.63
CA GLU A 45 -19.77 13.04 12.83
C GLU A 45 -19.95 11.67 12.17
N ALA A 46 -18.83 11.06 11.73
CA ALA A 46 -18.79 9.72 11.15
C ALA A 46 -19.16 8.69 12.21
N ALA A 47 -18.63 8.83 13.44
CA ALA A 47 -18.95 7.98 14.58
C ALA A 47 -20.47 8.07 14.89
N ALA A 48 -21.05 9.30 14.90
CA ALA A 48 -22.48 9.45 15.16
C ALA A 48 -23.33 8.82 14.04
N HIS A 49 -22.91 8.96 12.77
CA HIS A 49 -23.57 8.42 11.58
C HIS A 49 -23.66 6.89 11.66
N ARG A 50 -22.58 6.26 12.12
CA ARG A 50 -22.38 4.82 12.25
C ARG A 50 -23.17 4.18 13.42
N GLN A 51 -23.34 4.93 14.51
CA GLN A 51 -24.01 4.44 15.72
C GLN A 51 -25.51 4.22 15.54
N GLN A 52 -26.06 4.79 14.44
CA GLN A 52 -27.45 4.73 14.00
C GLN A 52 -27.65 3.91 12.69
N LEU A 53 -26.56 3.38 12.07
CA LEU A 53 -26.63 2.54 10.86
C LEU A 53 -27.61 1.37 11.07
N GLY A 54 -28.23 0.90 9.99
CA GLY A 54 -29.12 -0.25 10.04
C GLY A 54 -28.28 -1.48 10.32
N TRP A 55 -28.88 -2.63 10.65
CA TRP A 55 -28.05 -3.81 10.95
C TRP A 55 -27.27 -4.40 9.74
N VAL A 56 -27.79 -4.30 8.49
CA VAL A 56 -27.09 -4.79 7.29
C VAL A 56 -25.96 -3.78 6.93
N GLU A 57 -26.25 -2.48 7.11
CA GLU A 57 -25.30 -1.40 6.91
C GLU A 57 -24.19 -1.53 7.90
N TRP A 58 -24.52 -1.96 9.14
CA TRP A 58 -23.48 -2.14 10.12
C TRP A 58 -22.62 -3.41 9.83
N LEU A 59 -23.16 -4.39 9.06
CA LEU A 59 -22.43 -5.57 8.59
C LEU A 59 -21.54 -5.09 7.46
N GLN A 60 -22.03 -4.13 6.60
CA GLN A 60 -21.23 -3.60 5.51
C GLN A 60 -20.02 -2.82 6.06
N TYR A 61 -20.19 -2.16 7.23
CA TYR A 61 -19.11 -1.43 7.89
C TYR A 61 -18.08 -2.39 8.52
N SER A 62 -18.56 -3.26 9.39
CA SER A 62 -17.74 -4.13 10.24
C SER A 62 -17.17 -5.36 9.56
N PHE A 63 -17.98 -6.02 8.72
CA PHE A 63 -17.57 -7.22 8.01
C PHE A 63 -17.84 -6.98 6.53
N PRO A 64 -17.07 -6.08 5.85
CA PRO A 64 -17.28 -5.88 4.39
C PRO A 64 -17.12 -7.19 3.61
N LEU A 65 -17.97 -7.38 2.60
CA LEU A 65 -17.98 -8.60 1.79
C LEU A 65 -16.66 -8.90 1.09
N GLN A 66 -16.24 -10.17 1.16
CA GLN A 66 -15.00 -10.71 0.59
C GLN A 66 -15.40 -11.58 -0.59
N LEU A 67 -15.39 -10.98 -1.76
CA LEU A 67 -15.85 -11.59 -2.99
C LEU A 67 -14.74 -11.94 -3.98
N GLU A 68 -15.05 -12.90 -4.83
CA GLU A 68 -14.15 -13.34 -5.87
C GLU A 68 -14.01 -12.21 -6.91
N PRO A 69 -12.74 -11.88 -7.35
CA PRO A 69 -12.53 -10.74 -8.29
C PRO A 69 -13.38 -10.78 -9.55
N SER A 70 -13.63 -11.98 -10.08
CA SER A 70 -14.45 -12.18 -11.28
C SER A 70 -15.95 -11.89 -11.04
N ALA A 71 -16.36 -11.83 -9.75
CA ALA A 71 -17.75 -11.58 -9.34
C ALA A 71 -18.07 -10.13 -8.94
N ARG A 72 -17.07 -9.23 -8.95
CA ARG A 72 -17.26 -7.83 -8.53
C ARG A 72 -17.96 -6.94 -9.58
N GLY A 73 -19.12 -6.39 -9.18
CA GLY A 73 -19.93 -5.49 -10.00
C GLY A 73 -20.38 -6.04 -11.34
N ASN A 83 -25.64 -25.21 -10.24
CA ASN A 83 -24.57 -25.61 -11.15
C ASN A 83 -23.73 -26.79 -10.61
N ARG A 84 -23.36 -26.75 -9.31
CA ARG A 84 -22.57 -27.81 -8.67
C ARG A 84 -23.05 -28.14 -7.24
N ALA A 85 -22.88 -29.40 -6.81
CA ALA A 85 -23.26 -29.85 -5.47
C ALA A 85 -22.28 -29.31 -4.43
N LEU A 86 -22.82 -28.75 -3.33
CA LEU A 86 -22.04 -28.16 -2.23
C LEU A 86 -22.59 -28.60 -0.87
N LEU A 87 -21.73 -29.12 -0.02
CA LEU A 87 -22.09 -29.55 1.32
C LEU A 87 -21.73 -28.46 2.33
N VAL A 88 -22.74 -27.92 3.08
CA VAL A 88 -22.52 -26.84 4.05
C VAL A 88 -22.92 -27.27 5.48
N ASN A 89 -22.17 -26.81 6.50
CA ASN A 89 -22.53 -27.05 7.90
C ASN A 89 -22.97 -25.73 8.52
N VAL A 90 -24.19 -25.68 9.04
CA VAL A 90 -24.78 -24.48 9.62
C VAL A 90 -25.27 -24.79 11.05
N LYS A 91 -24.99 -23.89 12.00
CA LYS A 91 -25.46 -23.94 13.40
C LYS A 91 -26.08 -22.58 13.73
N PHE A 92 -26.80 -22.48 14.82
CA PHE A 92 -27.35 -21.19 15.22
C PHE A 92 -26.41 -20.65 16.28
N GLU A 93 -26.48 -19.34 16.58
CA GLU A 93 -25.56 -18.75 17.55
C GLU A 93 -25.65 -19.38 18.96
N GLY A 94 -24.51 -19.87 19.43
CA GLY A 94 -24.36 -20.49 20.74
C GLY A 94 -25.03 -21.83 20.92
N SER A 95 -25.48 -22.43 19.81
CA SER A 95 -26.10 -23.75 19.79
C SER A 95 -24.98 -24.75 19.69
N GLU A 96 -25.10 -25.85 20.44
CA GLU A 96 -24.09 -26.90 20.41
C GLU A 96 -24.29 -27.74 19.15
N GLU A 97 -25.55 -27.84 18.69
CA GLU A 97 -25.96 -28.60 17.51
C GLU A 97 -25.84 -27.81 16.20
N SER A 98 -25.41 -28.51 15.16
CA SER A 98 -25.33 -28.00 13.81
C SER A 98 -26.27 -28.82 12.90
N PHE A 99 -26.22 -28.56 11.59
CA PHE A 99 -27.02 -29.20 10.55
C PHE A 99 -26.19 -29.17 9.27
N THR A 100 -26.00 -30.32 8.63
CA THR A 100 -25.29 -30.43 7.35
C THR A 100 -26.30 -30.60 6.22
N PHE A 101 -26.19 -29.77 5.17
CA PHE A 101 -27.14 -29.89 4.07
C PHE A 101 -26.56 -29.50 2.73
N GLN A 102 -27.04 -30.20 1.70
CA GLN A 102 -26.62 -30.01 0.32
C GLN A 102 -27.27 -28.77 -0.27
N VAL A 103 -26.44 -27.92 -0.86
CA VAL A 103 -26.87 -26.72 -1.57
C VAL A 103 -26.15 -26.67 -2.92
N SER A 104 -26.54 -25.72 -3.75
CA SER A 104 -25.91 -25.52 -5.03
C SER A 104 -25.01 -24.28 -4.91
N THR A 105 -23.89 -24.31 -5.62
CA THR A 105 -22.94 -23.21 -5.71
C THR A 105 -23.62 -21.93 -6.25
N LYS A 106 -24.67 -22.08 -7.07
CA LYS A 106 -25.44 -20.97 -7.64
C LYS A 106 -26.49 -20.38 -6.66
N ASP A 107 -26.73 -21.06 -5.51
CA ASP A 107 -27.72 -20.61 -4.51
C ASP A 107 -27.23 -19.39 -3.75
N MET A 108 -28.18 -18.50 -3.37
CA MET A 108 -27.90 -17.27 -2.61
C MET A 108 -27.84 -17.66 -1.13
N PRO A 109 -27.19 -16.85 -0.25
CA PRO A 109 -27.20 -17.16 1.19
C PRO A 109 -28.61 -17.31 1.78
N LEU A 110 -29.60 -16.58 1.24
CA LEU A 110 -31.00 -16.58 1.70
C LEU A 110 -31.67 -17.96 1.61
N ALA A 111 -31.36 -18.74 0.56
CA ALA A 111 -31.89 -20.08 0.33
C ALA A 111 -31.28 -21.05 1.36
N LEU A 112 -30.00 -20.87 1.65
CA LEU A 112 -29.26 -21.65 2.64
C LEU A 112 -29.89 -21.35 4.02
N MET A 113 -30.24 -20.07 4.27
CA MET A 113 -30.85 -19.62 5.51
C MET A 113 -32.26 -20.17 5.72
N ALA A 114 -33.10 -20.17 4.67
CA ALA A 114 -34.48 -20.67 4.66
C ALA A 114 -34.47 -22.14 5.02
N CYS A 115 -33.48 -22.86 4.48
CA CYS A 115 -33.19 -24.27 4.67
C CYS A 115 -32.88 -24.54 6.16
N ALA A 116 -31.91 -23.78 6.73
CA ALA A 116 -31.47 -23.84 8.12
C ALA A 116 -32.62 -23.54 9.09
N LEU A 117 -33.52 -22.58 8.73
CA LEU A 117 -34.66 -22.17 9.55
C LEU A 117 -35.79 -23.19 9.53
N ARG A 118 -35.97 -23.92 8.40
CA ARG A 118 -36.97 -24.97 8.28
C ARG A 118 -36.49 -26.14 9.15
N LYS A 119 -35.19 -26.50 9.06
CA LYS A 119 -34.60 -27.56 9.89
C LYS A 119 -34.83 -27.31 11.38
N LYS A 120 -34.60 -26.06 11.85
CA LYS A 120 -34.79 -25.62 13.24
C LYS A 120 -36.27 -25.75 13.64
N ALA A 121 -37.20 -25.34 12.77
CA ALA A 121 -38.64 -25.42 13.01
C ALA A 121 -39.11 -26.87 13.18
N THR A 122 -38.52 -27.81 12.42
CA THR A 122 -38.87 -29.24 12.48
C THR A 122 -38.20 -29.94 13.68
N VAL A 123 -36.95 -29.60 14.03
CA VAL A 123 -36.26 -30.21 15.17
C VAL A 123 -36.85 -29.66 16.50
N PHE A 124 -37.28 -28.39 16.53
CA PHE A 124 -37.90 -27.75 17.71
C PHE A 124 -39.43 -27.86 17.73
N ARG A 125 -40.03 -28.55 16.73
CA ARG A 125 -41.47 -28.83 16.59
C ARG A 125 -42.38 -27.57 16.59
N GLN A 126 -41.83 -26.38 16.29
CA GLN A 126 -42.62 -25.14 16.31
C GLN A 126 -42.49 -24.28 15.04
N PRO A 127 -43.61 -23.71 14.52
CA PRO A 127 -43.50 -22.81 13.34
C PRO A 127 -42.88 -21.49 13.78
N LEU A 128 -41.71 -21.15 13.21
CA LEU A 128 -40.93 -19.98 13.60
C LEU A 128 -41.48 -18.63 13.17
N VAL A 129 -41.27 -17.61 14.04
CA VAL A 129 -41.63 -16.20 13.83
C VAL A 129 -40.60 -15.63 12.85
N GLU A 130 -39.33 -16.07 13.00
CA GLU A 130 -38.17 -15.66 12.19
C GLU A 130 -38.31 -15.98 10.70
N GLN A 131 -37.88 -15.01 9.88
CA GLN A 131 -37.80 -15.03 8.43
C GLN A 131 -36.30 -15.03 8.10
N PRO A 132 -35.84 -15.63 6.96
CA PRO A 132 -34.39 -15.61 6.66
C PRO A 132 -33.78 -14.22 6.50
N GLU A 133 -34.59 -13.19 6.20
CA GLU A 133 -34.20 -11.78 6.02
C GLU A 133 -33.64 -11.12 7.30
N GLU A 134 -33.98 -11.68 8.50
CA GLU A 134 -33.56 -11.18 9.81
C GLU A 134 -32.22 -11.76 10.26
N TYR A 135 -31.52 -12.50 9.37
CA TYR A 135 -30.26 -13.19 9.68
C TYR A 135 -29.16 -12.93 8.69
N ALA A 136 -27.91 -13.11 9.15
CA ALA A 136 -26.69 -13.10 8.33
C ALA A 136 -25.90 -14.37 8.67
N LEU A 137 -25.02 -14.80 7.79
CA LEU A 137 -24.24 -16.02 8.02
C LEU A 137 -22.80 -15.75 8.35
N GLN A 138 -22.37 -16.02 9.61
CA GLN A 138 -20.96 -15.81 9.98
C GLN A 138 -20.12 -17.02 9.60
N VAL A 139 -18.90 -16.81 9.10
CA VAL A 139 -17.96 -17.90 8.83
C VAL A 139 -17.46 -18.26 10.27
N ASN A 140 -17.59 -19.53 10.71
CA ASN A 140 -17.27 -19.94 12.09
C ASN A 140 -15.91 -19.47 12.60
N GLY A 141 -15.96 -18.82 13.75
CA GLY A 141 -14.81 -18.28 14.45
C GLY A 141 -14.01 -17.19 13.74
N ARG A 142 -14.61 -16.53 12.71
CA ARG A 142 -13.95 -15.49 11.91
C ARG A 142 -14.78 -14.21 11.90
N HIS A 143 -14.12 -13.02 11.80
CA HIS A 143 -14.92 -11.80 11.62
C HIS A 143 -15.25 -11.65 10.15
N GLU A 144 -15.96 -12.66 9.60
CA GLU A 144 -16.36 -12.77 8.21
C GLU A 144 -17.80 -13.21 8.16
N TYR A 145 -18.56 -12.67 7.19
CA TYR A 145 -19.99 -12.93 7.03
C TYR A 145 -20.36 -13.06 5.56
N LEU A 146 -21.36 -13.89 5.27
CA LEU A 146 -21.97 -14.10 3.96
C LEU A 146 -23.39 -13.54 4.04
N TYR A 147 -23.67 -12.57 3.18
CA TYR A 147 -24.97 -11.90 3.09
C TYR A 147 -25.09 -11.28 1.70
N GLY A 148 -26.27 -10.80 1.37
CA GLY A 148 -26.50 -10.21 0.06
C GLY A 148 -26.92 -11.21 -0.98
N ASN A 149 -27.29 -10.71 -2.16
CA ASN A 149 -27.74 -11.53 -3.28
C ASN A 149 -26.59 -11.76 -4.25
N TYR A 150 -25.74 -12.70 -3.86
CA TYR A 150 -24.59 -13.16 -4.61
C TYR A 150 -24.63 -14.66 -4.46
N PRO A 151 -24.36 -15.47 -5.49
CA PRO A 151 -24.35 -16.91 -5.28
C PRO A 151 -23.20 -17.28 -4.35
N LEU A 152 -23.29 -18.44 -3.73
CA LEU A 152 -22.28 -18.91 -2.79
C LEU A 152 -20.88 -19.00 -3.41
N CYS A 153 -20.76 -19.32 -4.70
CA CYS A 153 -19.45 -19.40 -5.36
C CYS A 153 -18.76 -18.03 -5.52
N HIS A 154 -19.52 -16.91 -5.44
CA HIS A 154 -18.98 -15.55 -5.53
C HIS A 154 -18.24 -15.15 -4.26
N PHE A 155 -18.46 -15.88 -3.13
CA PHE A 155 -17.78 -15.60 -1.85
C PHE A 155 -16.46 -16.32 -1.79
N GLN A 156 -15.40 -15.54 -1.48
CA GLN A 156 -14.02 -16.01 -1.28
C GLN A 156 -13.93 -17.23 -0.35
N TYR A 157 -14.71 -17.23 0.75
CA TYR A 157 -14.71 -18.34 1.70
C TYR A 157 -15.23 -19.64 1.05
N ILE A 158 -16.43 -19.58 0.45
CA ILE A 158 -17.04 -20.73 -0.22
C ILE A 158 -16.11 -21.22 -1.32
N CYS A 159 -15.75 -20.35 -2.28
CA CYS A 159 -14.85 -20.64 -3.41
C CYS A 159 -13.53 -21.32 -2.95
N SER A 160 -12.96 -20.87 -1.84
CA SER A 160 -11.76 -21.42 -1.24
C SER A 160 -12.01 -22.84 -0.71
N CYS A 161 -13.17 -23.06 -0.04
CA CYS A 161 -13.56 -24.35 0.51
C CYS A 161 -13.71 -25.39 -0.63
N LEU A 162 -14.26 -24.95 -1.78
CA LEU A 162 -14.45 -25.76 -2.99
C LEU A 162 -13.13 -26.29 -3.57
N HIS A 163 -12.07 -25.45 -3.60
CA HIS A 163 -10.76 -25.86 -4.14
C HIS A 163 -10.03 -26.83 -3.23
N SER A 164 -10.08 -26.57 -1.92
CA SER A 164 -9.45 -27.42 -0.91
C SER A 164 -10.36 -28.63 -0.52
N GLY A 165 -11.55 -28.73 -1.12
CA GLY A 165 -12.53 -29.77 -0.86
C GLY A 165 -13.19 -29.70 0.52
N LEU A 166 -12.78 -28.70 1.36
CA LEU A 166 -13.29 -28.45 2.71
C LEU A 166 -14.76 -28.10 2.73
N THR A 167 -15.46 -28.45 3.83
CA THR A 167 -16.90 -28.20 4.03
C THR A 167 -17.11 -26.82 4.69
N PRO A 168 -17.78 -25.85 4.03
CA PRO A 168 -18.01 -24.56 4.72
C PRO A 168 -18.79 -24.72 6.03
N HIS A 169 -18.32 -24.04 7.09
CA HIS A 169 -18.95 -24.07 8.40
C HIS A 169 -19.45 -22.67 8.73
N LEU A 170 -20.79 -22.50 8.79
CA LEU A 170 -21.44 -21.20 8.98
C LEU A 170 -22.33 -21.10 10.23
N THR A 171 -22.49 -19.89 10.77
CA THR A 171 -23.34 -19.69 11.94
C THR A 171 -24.41 -18.71 11.61
N MET A 172 -25.67 -19.07 11.86
CA MET A 172 -26.84 -18.22 11.66
C MET A 172 -26.84 -17.15 12.73
N VAL A 173 -26.67 -15.87 12.35
CA VAL A 173 -26.64 -14.75 13.31
C VAL A 173 -27.84 -13.83 13.07
N HIS A 174 -28.67 -13.64 14.11
CA HIS A 174 -29.86 -12.79 14.07
C HIS A 174 -29.49 -11.30 14.03
N SER A 175 -30.36 -10.45 13.50
CA SER A 175 -30.16 -9.00 13.42
C SER A 175 -29.99 -8.36 14.81
N SER A 176 -30.71 -8.89 15.83
CA SER A 176 -30.64 -8.42 17.23
C SER A 176 -29.25 -8.64 17.80
N SER A 177 -28.61 -9.74 17.40
CA SER A 177 -27.26 -10.07 17.83
C SER A 177 -26.25 -9.05 17.25
N ILE A 178 -26.40 -8.72 15.94
CA ILE A 178 -25.60 -7.73 15.20
C ILE A 178 -25.81 -6.30 15.77
N LEU A 179 -27.06 -5.95 16.12
CA LEU A 179 -27.43 -4.65 16.70
C LEU A 179 -26.86 -4.52 18.11
N ALA A 180 -26.71 -5.65 18.81
CA ALA A 180 -26.08 -5.65 20.14
C ALA A 180 -24.55 -5.40 19.94
N MET A 181 -23.96 -5.86 18.82
CA MET A 181 -22.53 -5.61 18.51
C MET A 181 -22.32 -4.13 18.23
N ARG A 182 -23.21 -3.54 17.41
CA ARG A 182 -23.21 -2.12 17.07
C ARG A 182 -23.37 -1.24 18.32
N ASP A 183 -24.24 -1.66 19.25
CA ASP A 183 -24.45 -0.90 20.48
C ASP A 183 -23.30 -1.03 21.48
N GLU A 184 -22.63 -2.21 21.57
CA GLU A 184 -21.46 -2.50 22.42
C GLU A 184 -20.23 -1.65 22.01
N GLN A 185 -20.12 -1.37 20.70
CA GLN A 185 -18.97 -0.70 20.08
C GLN A 185 -19.17 0.80 19.90
N SER A 186 -20.07 1.41 20.70
CA SER A 186 -20.41 2.83 20.66
C SER A 186 -19.37 3.76 21.31
N ASN A 187 -19.12 4.92 20.67
CA ASN A 187 -18.24 5.97 21.17
C ASN A 187 -18.89 6.49 22.46
N PRO A 188 -18.13 6.78 23.56
CA PRO A 188 -18.79 7.26 24.80
C PRO A 188 -19.51 8.59 24.65
N ALA A 189 -20.43 8.88 25.60
CA ALA A 189 -21.24 10.11 25.65
C ALA A 189 -20.46 11.31 26.17
N SER A 211 -3.56 42.72 -3.29
CA SER A 211 -3.65 41.69 -4.32
C SER A 211 -2.27 41.26 -4.79
N LEU A 212 -2.02 39.91 -4.78
CA LEU A 212 -0.77 39.28 -5.21
C LEU A 212 -0.40 39.60 -6.67
N TRP A 213 -1.39 39.60 -7.60
CA TRP A 213 -1.15 39.86 -9.02
C TRP A 213 -0.71 41.30 -9.31
N SER A 214 -0.64 42.15 -8.27
CA SER A 214 -0.17 43.53 -8.38
C SER A 214 1.35 43.55 -8.26
N LEU A 215 1.89 42.74 -7.31
CA LEU A 215 3.32 42.65 -6.98
C LEU A 215 4.19 42.11 -8.13
N GLU A 216 4.75 43.02 -8.95
CA GLU A 216 5.60 42.70 -10.12
C GLU A 216 7.10 42.53 -9.83
N GLN A 217 7.59 42.95 -8.64
CA GLN A 217 9.02 42.88 -8.28
C GLN A 217 9.55 41.46 -8.31
N PRO A 218 10.86 41.22 -8.61
CA PRO A 218 11.36 39.84 -8.61
C PRO A 218 11.32 39.22 -7.22
N PHE A 219 11.21 37.88 -7.14
CA PHE A 219 11.20 37.23 -5.85
C PHE A 219 12.59 37.32 -5.26
N SER A 220 12.66 37.55 -3.94
CA SER A 220 13.91 37.70 -3.20
C SER A 220 13.73 37.35 -1.74
N ILE A 221 14.83 36.92 -1.10
CA ILE A 221 14.93 36.58 0.32
C ILE A 221 16.30 37.02 0.79
N GLU A 222 16.45 37.23 2.09
CA GLU A 222 17.74 37.52 2.69
C GLU A 222 18.20 36.17 3.26
N LEU A 223 19.45 35.78 2.96
CA LEU A 223 20.07 34.59 3.55
C LEU A 223 20.87 35.18 4.71
N ILE A 224 20.32 35.11 5.95
CA ILE A 224 20.98 35.70 7.11
C ILE A 224 22.23 34.90 7.48
N GLU A 225 22.06 33.70 8.04
CA GLU A 225 23.17 32.89 8.51
C GLU A 225 22.82 31.41 8.61
N GLY A 226 23.75 30.65 9.19
CA GLY A 226 23.65 29.22 9.48
C GLY A 226 24.15 28.98 10.90
N ARG A 227 23.73 27.86 11.51
CA ARG A 227 24.15 27.44 12.86
C ARG A 227 24.41 25.94 12.83
N LYS A 228 25.17 25.43 13.82
CA LYS A 228 25.48 23.99 14.01
C LYS A 228 25.91 23.30 12.70
N VAL A 229 26.78 23.94 11.95
CA VAL A 229 27.27 23.41 10.68
C VAL A 229 28.57 22.62 10.92
N ASN A 230 28.56 21.32 10.60
CA ASN A 230 29.74 20.49 10.76
C ASN A 230 30.33 20.15 9.41
N ALA A 231 31.55 20.66 9.11
CA ALA A 231 32.20 20.41 7.82
C ALA A 231 33.72 20.56 7.93
N ASP A 232 34.44 20.08 6.88
CA ASP A 232 35.89 20.15 6.71
C ASP A 232 36.31 21.60 6.60
N GLU A 233 37.16 22.03 7.54
CA GLU A 233 37.68 23.40 7.67
C GLU A 233 38.52 23.88 6.49
N ARG A 234 39.01 22.93 5.64
CA ARG A 234 39.82 23.25 4.45
C ARG A 234 38.97 23.89 3.34
N MET A 235 37.68 23.55 3.33
CA MET A 235 36.67 23.93 2.33
C MET A 235 35.86 25.19 2.71
N LYS A 236 34.95 25.60 1.79
CA LYS A 236 34.04 26.73 1.95
C LYS A 236 32.56 26.27 1.89
N LEU A 237 31.62 27.08 2.42
CA LEU A 237 30.17 26.77 2.47
C LEU A 237 29.32 27.53 1.46
N VAL A 238 28.51 26.80 0.66
CA VAL A 238 27.62 27.43 -0.35
C VAL A 238 26.20 26.97 -0.12
N VAL A 239 25.25 27.89 -0.29
CA VAL A 239 23.82 27.58 -0.17
C VAL A 239 23.19 27.71 -1.55
N GLN A 240 22.71 26.58 -2.09
CA GLN A 240 22.02 26.53 -3.38
C GLN A 240 20.53 26.67 -3.06
N ALA A 241 19.81 27.44 -3.88
CA ALA A 241 18.39 27.69 -3.66
C ALA A 241 17.62 27.75 -4.98
N GLY A 242 16.42 27.20 -4.96
CA GLY A 242 15.56 27.13 -6.13
C GLY A 242 14.09 27.09 -5.79
N LEU A 243 13.28 27.75 -6.64
CA LEU A 243 11.82 27.81 -6.53
C LEU A 243 11.24 26.74 -7.41
N PHE A 244 10.49 25.82 -6.80
CA PHE A 244 9.90 24.68 -7.47
C PHE A 244 8.38 24.61 -7.34
N HIS A 245 7.76 24.07 -8.40
CA HIS A 245 6.35 23.68 -8.47
C HIS A 245 6.46 22.18 -8.72
N GLY A 246 6.51 21.44 -7.64
CA GLY A 246 6.72 20.01 -7.68
C GLY A 246 8.18 19.72 -7.90
N ASN A 247 8.50 19.02 -8.99
CA ASN A 247 9.87 18.68 -9.34
C ASN A 247 10.42 19.61 -10.43
N GLU A 248 9.53 20.40 -11.05
CA GLU A 248 9.87 21.36 -12.08
C GLU A 248 10.35 22.69 -11.50
N MET A 249 11.39 23.28 -12.10
CA MET A 249 11.90 24.58 -11.67
C MET A 249 10.98 25.69 -12.15
N LEU A 250 10.77 26.71 -11.31
CA LEU A 250 9.93 27.87 -11.65
C LEU A 250 10.80 28.94 -12.30
N CYS A 251 12.12 28.83 -12.09
CA CYS A 251 13.19 29.71 -12.59
C CYS A 251 14.54 29.01 -12.46
N LYS A 252 15.65 29.69 -12.80
CA LYS A 252 16.98 29.07 -12.66
C LYS A 252 17.41 29.09 -11.20
N THR A 253 18.17 28.07 -10.76
CA THR A 253 18.66 28.04 -9.37
C THR A 253 19.67 29.18 -9.13
N VAL A 254 19.77 29.63 -7.87
CA VAL A 254 20.72 30.68 -7.47
C VAL A 254 21.61 30.16 -6.35
N SER A 255 22.84 30.70 -6.24
CA SER A 255 23.75 30.29 -5.20
C SER A 255 24.31 31.50 -4.46
N SER A 256 24.59 31.32 -3.16
CA SER A 256 25.17 32.39 -2.33
C SER A 256 26.68 32.48 -2.60
N SER A 257 27.38 33.31 -1.83
CA SER A 257 28.82 33.41 -1.98
C SER A 257 29.49 32.29 -1.16
N GLU A 258 30.76 31.98 -1.48
CA GLU A 258 31.53 30.98 -0.74
C GLU A 258 32.05 31.67 0.51
N VAL A 259 31.61 31.20 1.66
CA VAL A 259 32.00 31.69 2.99
C VAL A 259 32.87 30.59 3.63
N ASN A 260 33.85 30.95 4.46
CA ASN A 260 34.72 29.96 5.11
C ASN A 260 33.99 29.03 6.06
N VAL A 261 34.32 27.73 6.01
CA VAL A 261 33.72 26.71 6.87
C VAL A 261 33.92 27.10 8.35
N CYS A 262 32.79 27.08 9.09
CA CYS A 262 32.65 27.34 10.52
C CYS A 262 31.25 26.91 10.97
N SER A 263 31.11 26.67 12.29
CA SER A 263 29.91 26.25 13.00
C SER A 263 28.71 27.20 12.75
N GLU A 264 28.96 28.52 12.68
CA GLU A 264 27.94 29.55 12.47
C GLU A 264 28.28 30.48 11.28
N PRO A 265 28.07 30.02 10.02
CA PRO A 265 28.39 30.89 8.86
C PRO A 265 27.44 32.07 8.71
N VAL A 266 27.99 33.27 8.43
CA VAL A 266 27.19 34.50 8.27
C VAL A 266 27.26 35.00 6.82
N TRP A 267 26.11 35.08 6.13
CA TRP A 267 26.05 35.61 4.77
C TRP A 267 25.47 37.04 4.77
N LYS A 268 24.22 37.18 5.28
CA LYS A 268 23.41 38.41 5.32
C LYS A 268 23.26 39.04 3.92
N GLN A 269 23.07 38.17 2.91
CA GLN A 269 22.96 38.58 1.50
C GLN A 269 21.60 38.28 0.88
N ARG A 270 21.15 39.17 0.00
CA ARG A 270 19.88 39.04 -0.73
C ARG A 270 20.05 38.13 -1.92
N LEU A 271 19.20 37.09 -2.00
CA LEU A 271 19.15 36.14 -3.11
C LEU A 271 17.98 36.51 -3.98
N GLU A 272 18.26 36.82 -5.26
CA GLU A 272 17.24 37.28 -6.20
C GLU A 272 16.98 36.28 -7.32
N PHE A 273 15.72 35.85 -7.41
CA PHE A 273 15.22 34.88 -8.39
C PHE A 273 14.60 35.60 -9.59
N ASP A 274 14.65 34.96 -10.77
CA ASP A 274 14.06 35.51 -11.99
C ASP A 274 12.63 34.98 -12.12
N ILE A 275 11.69 35.68 -11.44
CA ILE A 275 10.26 35.42 -11.36
C ILE A 275 9.59 36.50 -10.49
N SER A 276 8.60 37.21 -11.06
CA SER A 276 7.81 38.21 -10.35
C SER A 276 7.04 37.55 -9.20
N VAL A 277 6.78 38.32 -8.11
CA VAL A 277 6.04 37.86 -6.93
C VAL A 277 4.58 37.47 -7.32
N CYS A 278 4.01 38.17 -8.33
CA CYS A 278 2.66 37.91 -8.84
C CYS A 278 2.54 36.55 -9.55
N ASP A 279 3.65 36.07 -10.15
CA ASP A 279 3.74 34.79 -10.90
C ASP A 279 3.91 33.55 -10.03
N LEU A 280 4.25 33.75 -8.74
CA LEU A 280 4.45 32.67 -7.78
C LEU A 280 3.15 31.83 -7.69
N PRO A 281 3.16 30.52 -8.01
CA PRO A 281 1.90 29.76 -7.90
C PRO A 281 1.62 29.44 -6.44
N ARG A 282 0.37 29.02 -6.14
CA ARG A 282 -0.08 28.70 -4.77
C ARG A 282 0.79 27.64 -4.07
N MET A 283 1.23 26.63 -4.82
CA MET A 283 2.02 25.52 -4.31
C MET A 283 3.51 25.68 -4.52
N ALA A 284 4.01 26.93 -4.65
CA ALA A 284 5.43 27.23 -4.81
C ALA A 284 6.19 26.94 -3.52
N ARG A 285 7.31 26.19 -3.64
CA ARG A 285 8.16 25.84 -2.52
C ARG A 285 9.61 26.33 -2.73
N LEU A 286 10.16 26.94 -1.67
CA LEU A 286 11.51 27.50 -1.64
C LEU A 286 12.41 26.41 -1.07
N CYS A 287 13.34 25.93 -1.91
CA CYS A 287 14.21 24.82 -1.56
C CYS A 287 15.64 25.21 -1.42
N PHE A 288 16.25 24.77 -0.33
CA PHE A 288 17.63 25.05 0.03
C PHE A 288 18.48 23.80 0.18
N ALA A 289 19.76 23.92 -0.17
CA ALA A 289 20.76 22.86 -0.03
C ALA A 289 22.10 23.51 0.35
N LEU A 290 22.67 23.09 1.48
CA LEU A 290 23.96 23.61 1.97
C LEU A 290 25.05 22.60 1.67
N TYR A 291 26.12 23.02 1.00
CA TYR A 291 27.20 22.10 0.69
C TYR A 291 28.57 22.70 0.85
N ALA A 292 29.58 21.84 0.97
CA ALA A 292 30.97 22.22 1.13
C ALA A 292 31.68 22.07 -0.21
N VAL A 293 32.47 23.09 -0.60
CA VAL A 293 33.20 23.09 -1.87
C VAL A 293 34.71 23.23 -1.68
N VAL A 294 35.48 22.65 -2.62
CA VAL A 294 36.95 22.69 -2.67
C VAL A 294 37.40 24.08 -3.16
N ASP A 311 31.93 18.35 -5.28
CA ASP A 311 31.16 18.93 -4.18
C ASP A 311 31.05 17.97 -2.98
N CYS A 312 30.42 18.42 -1.87
CA CYS A 312 30.29 17.67 -0.61
C CYS A 312 28.93 18.00 0.04
N PRO A 313 27.92 17.10 -0.05
CA PRO A 313 26.58 17.41 0.50
C PRO A 313 26.50 17.31 2.02
N ILE A 314 25.92 18.34 2.64
CA ILE A 314 25.80 18.44 4.11
C ILE A 314 24.34 18.36 4.57
N ALA A 315 23.50 19.35 4.18
CA ALA A 315 22.09 19.39 4.57
C ALA A 315 21.18 20.03 3.49
N TRP A 316 19.84 19.94 3.69
CA TRP A 316 18.80 20.48 2.80
C TRP A 316 17.57 20.87 3.63
N ALA A 317 16.72 21.77 3.08
CA ALA A 317 15.48 22.23 3.75
C ALA A 317 14.56 22.92 2.77
N ASN A 318 13.26 22.64 2.88
CA ASN A 318 12.26 23.29 2.03
C ASN A 318 11.16 23.90 2.87
N LEU A 319 10.46 24.87 2.30
CA LEU A 319 9.32 25.53 2.92
C LEU A 319 8.34 25.97 1.84
N MET A 320 7.05 26.11 2.17
CA MET A 320 6.04 26.62 1.23
C MET A 320 6.05 28.15 1.34
N LEU A 321 5.91 28.87 0.21
CA LEU A 321 5.91 30.34 0.22
C LEU A 321 4.62 30.94 0.80
N PHE A 322 3.51 30.21 0.66
CA PHE A 322 2.19 30.55 1.21
C PHE A 322 1.90 29.55 2.34
N ASP A 323 1.22 30.01 3.38
CA ASP A 323 0.86 29.17 4.51
C ASP A 323 -0.43 28.40 4.24
N TYR A 324 -1.00 27.76 5.28
CA TYR A 324 -2.23 26.96 5.13
C TYR A 324 -3.48 27.85 5.00
N LYS A 325 -3.38 29.12 5.47
CA LYS A 325 -4.48 30.09 5.37
C LYS A 325 -4.34 31.00 4.14
N ASP A 326 -3.45 30.62 3.18
CA ASP A 326 -3.15 31.24 1.88
C ASP A 326 -2.29 32.50 1.95
N GLN A 327 -1.79 32.85 3.14
CA GLN A 327 -0.99 34.08 3.33
C GLN A 327 0.46 33.93 2.87
N LEU A 328 0.94 34.91 2.10
CA LEU A 328 2.30 34.96 1.60
C LEU A 328 3.23 35.26 2.79
N LYS A 329 4.10 34.30 3.12
CA LYS A 329 5.00 34.36 4.28
C LYS A 329 5.98 35.55 4.27
N THR A 330 6.01 36.30 5.39
CA THR A 330 6.93 37.43 5.65
C THR A 330 7.61 37.24 7.02
N GLY A 331 8.73 37.94 7.20
CA GLY A 331 9.50 37.89 8.43
C GLY A 331 10.64 36.89 8.40
N GLU A 332 11.25 36.64 9.56
CA GLU A 332 12.38 35.71 9.73
C GLU A 332 11.89 34.27 9.83
N ARG A 333 12.71 33.32 9.30
CA ARG A 333 12.45 31.88 9.35
C ARG A 333 13.69 31.09 9.74
N CYS A 334 13.59 30.23 10.76
CA CYS A 334 14.71 29.36 11.10
C CYS A 334 14.40 27.99 10.52
N LEU A 335 15.25 27.53 9.61
CA LEU A 335 15.03 26.28 8.92
C LEU A 335 15.91 25.21 9.51
N TYR A 336 15.31 24.29 10.28
CA TYR A 336 16.06 23.19 10.86
C TYR A 336 16.23 22.15 9.77
N MET A 337 17.46 22.06 9.26
CA MET A 337 17.81 21.25 8.11
C MET A 337 17.93 19.76 8.39
N TRP A 338 17.72 19.01 7.31
CA TRP A 338 17.78 17.57 7.22
C TRP A 338 19.14 17.18 6.66
N PRO A 339 19.85 16.20 7.26
CA PRO A 339 21.17 15.81 6.73
C PRO A 339 21.06 15.15 5.35
N SER A 340 21.94 15.56 4.43
CA SER A 340 21.96 15.04 3.07
C SER A 340 22.63 13.69 3.00
N VAL A 341 22.24 12.87 1.99
CA VAL A 341 22.76 11.51 1.76
C VAL A 341 23.26 11.41 0.31
N LEU A 348 21.08 18.69 -7.38
CA LEU A 348 21.67 18.74 -6.04
C LEU A 348 20.62 19.09 -4.95
N LEU A 349 19.51 19.77 -5.35
CA LEU A 349 18.40 20.17 -4.47
C LEU A 349 17.37 19.07 -4.34
N ASN A 350 16.59 19.08 -3.24
CA ASN A 350 15.59 18.04 -2.95
C ASN A 350 14.12 18.56 -2.96
N PRO A 351 13.55 18.97 -4.13
CA PRO A 351 12.18 19.50 -4.12
C PRO A 351 11.09 18.56 -3.56
N ALA A 352 11.24 17.24 -3.73
CA ALA A 352 10.28 16.26 -3.22
C ALA A 352 10.26 16.13 -1.69
N GLY A 353 11.37 16.55 -1.05
CA GLY A 353 11.53 16.51 0.41
C GLY A 353 10.45 17.28 1.15
N THR A 354 10.20 16.89 2.42
CA THR A 354 9.22 17.56 3.28
C THR A 354 9.49 19.09 3.44
N VAL A 355 8.42 19.85 3.67
CA VAL A 355 8.38 21.29 3.88
C VAL A 355 8.20 21.65 5.35
N ARG A 356 8.54 20.71 6.27
CA ARG A 356 8.51 20.95 7.73
C ARG A 356 9.94 20.73 8.21
N GLY A 357 10.37 21.53 9.18
CA GLY A 357 11.72 21.48 9.70
C GLY A 357 12.06 20.21 10.45
N ASN A 358 13.35 19.91 10.54
CA ASN A 358 13.88 18.76 11.28
C ASN A 358 13.54 18.92 12.79
N PRO A 359 12.80 17.97 13.40
CA PRO A 359 12.44 18.11 14.83
C PRO A 359 13.60 18.03 15.82
N ASN A 360 14.74 17.46 15.37
CA ASN A 360 15.95 17.34 16.18
C ASN A 360 16.69 18.69 16.16
N THR A 361 16.08 19.70 16.79
CA THR A 361 16.61 21.07 16.87
C THR A 361 18.01 21.12 17.53
N GLU A 362 18.21 20.36 18.64
CA GLU A 362 19.46 20.30 19.40
C GLU A 362 20.71 19.89 18.59
N SER A 363 20.56 19.04 17.56
CA SER A 363 21.71 18.59 16.76
C SER A 363 21.74 19.14 15.31
N ALA A 364 20.58 19.35 14.69
CA ALA A 364 20.43 19.82 13.31
C ALA A 364 21.04 21.16 13.00
N ALA A 365 21.54 21.29 11.76
CA ALA A 365 22.03 22.51 11.18
C ALA A 365 20.81 23.41 10.96
N ALA A 366 20.96 24.72 11.15
CA ALA A 366 19.85 25.65 10.95
C ALA A 366 20.25 26.79 10.05
N LEU A 367 19.47 27.02 8.98
CA LEU A 367 19.68 28.12 8.08
C LEU A 367 18.63 29.17 8.44
N VAL A 368 19.07 30.39 8.73
CA VAL A 368 18.21 31.50 9.09
C VAL A 368 18.01 32.35 7.85
N ILE A 369 16.77 32.65 7.51
CA ILE A 369 16.43 33.44 6.32
C ILE A 369 15.42 34.52 6.65
N TYR A 370 15.22 35.49 5.76
CA TYR A 370 14.22 36.55 5.93
C TYR A 370 13.38 36.66 4.67
N LEU A 371 12.05 36.61 4.83
CA LEU A 371 11.05 36.73 3.77
C LEU A 371 10.56 38.18 3.82
N PRO A 372 10.69 38.96 2.74
CA PRO A 372 10.35 40.40 2.83
C PRO A 372 8.86 40.76 2.81
N GLU A 373 8.55 41.87 3.51
CA GLU A 373 7.22 42.48 3.62
C GLU A 373 7.04 43.31 2.36
N VAL A 374 6.66 42.65 1.26
CA VAL A 374 6.45 43.25 -0.06
C VAL A 374 5.17 44.13 -0.15
N ALA A 375 4.44 44.30 0.97
CA ALA A 375 3.20 45.09 1.08
C ALA A 375 2.96 45.54 2.54
N PRO A 376 2.34 46.71 2.79
CA PRO A 376 2.13 47.14 4.20
C PRO A 376 0.95 46.45 4.92
N HIS A 377 0.21 45.58 4.20
CA HIS A 377 -0.93 44.83 4.70
C HIS A 377 -0.75 43.35 4.31
N PRO A 378 -1.45 42.35 4.92
CA PRO A 378 -1.25 40.96 4.46
C PRO A 378 -1.76 40.73 3.04
N VAL A 379 -1.10 39.80 2.31
CA VAL A 379 -1.41 39.44 0.93
C VAL A 379 -1.65 37.92 0.83
N TYR A 380 -2.91 37.57 0.52
CA TYR A 380 -3.37 36.20 0.37
C TYR A 380 -3.43 35.83 -1.10
N PHE A 381 -3.34 34.51 -1.40
CA PHE A 381 -3.44 34.05 -2.76
C PHE A 381 -4.89 34.26 -3.26
N PRO A 382 -5.11 34.76 -4.50
CA PRO A 382 -6.49 35.01 -4.96
C PRO A 382 -7.48 33.86 -4.75
N ALA A 383 -8.70 34.20 -4.33
CA ALA A 383 -9.79 33.25 -4.13
C ALA A 383 -10.19 32.65 -5.52
N LEU A 384 -10.74 31.41 -5.53
CA LEU A 384 -11.13 30.71 -6.75
C LEU A 384 -11.98 31.59 -7.73
N GLU A 385 -12.90 32.42 -7.20
CA GLU A 385 -13.75 33.34 -7.98
C GLU A 385 -12.94 34.37 -8.79
N LYS A 386 -11.86 34.94 -8.21
CA LYS A 386 -10.97 35.86 -8.91
C LYS A 386 -10.15 35.10 -9.96
N ILE A 387 -9.77 33.80 -9.65
CA ILE A 387 -8.99 32.93 -10.56
C ILE A 387 -9.82 32.62 -11.82
N LEU A 388 -11.05 32.12 -11.63
CA LEU A 388 -11.94 31.80 -12.74
C LEU A 388 -12.26 33.04 -13.58
N GLU A 389 -12.45 34.22 -12.94
CA GLU A 389 -12.73 35.50 -13.61
C GLU A 389 -11.61 35.96 -14.55
N LEU A 390 -10.34 35.62 -14.24
CA LEU A 390 -9.18 35.97 -15.07
C LEU A 390 -9.01 34.97 -16.23
N GLY A 391 -9.02 33.67 -15.90
CA GLY A 391 -8.86 32.56 -16.85
C GLY A 391 -10.03 32.33 -17.78
N ARG A 392 -11.19 32.93 -17.46
CA ARG A 392 -12.47 32.92 -18.21
C ARG A 392 -12.26 33.46 -19.63
N HIS A 393 -11.39 34.47 -19.76
CA HIS A 393 -11.10 35.14 -21.02
C HIS A 393 -9.88 34.52 -21.69
N GLY A 394 -10.13 33.93 -22.85
CA GLY A 394 -9.13 33.27 -23.69
C GLY A 394 -9.52 33.23 -25.16
N GLU A 395 -8.55 32.86 -26.01
CA GLU A 395 -8.76 32.72 -27.45
C GLU A 395 -8.88 31.23 -27.76
N ARG A 396 -10.01 30.85 -28.37
CA ARG A 396 -10.28 29.46 -28.76
C ARG A 396 -9.51 29.18 -30.04
N GLY A 397 -8.56 28.26 -29.95
CA GLY A 397 -7.70 27.86 -31.05
C GLY A 397 -8.44 27.22 -32.20
N ARG A 398 -8.14 27.69 -33.43
CA ARG A 398 -8.69 27.16 -34.67
C ARG A 398 -7.51 26.73 -35.53
N ILE A 399 -7.47 25.44 -35.90
CA ILE A 399 -6.36 24.85 -36.67
C ILE A 399 -6.83 24.05 -37.88
N THR A 400 -5.88 23.73 -38.78
CA THR A 400 -6.09 22.93 -40.00
C THR A 400 -6.41 21.45 -39.64
N GLU A 401 -6.99 20.72 -40.61
CA GLU A 401 -7.31 19.29 -40.50
C GLU A 401 -6.01 18.48 -40.37
N GLU A 402 -4.90 18.99 -40.95
CA GLU A 402 -3.56 18.39 -40.95
C GLU A 402 -2.96 18.45 -39.54
N GLU A 403 -3.08 19.63 -38.87
CA GLU A 403 -2.61 19.83 -37.49
C GLU A 403 -3.56 19.15 -36.49
N GLN A 404 -4.86 18.98 -36.86
CA GLN A 404 -5.88 18.31 -36.06
C GLN A 404 -5.53 16.82 -35.91
N LEU A 405 -4.91 16.23 -36.95
CA LEU A 405 -4.46 14.85 -36.91
C LEU A 405 -3.15 14.76 -36.10
N GLN A 406 -2.28 15.80 -36.19
CA GLN A 406 -1.01 15.89 -35.46
C GLN A 406 -1.24 16.03 -33.95
N LEU A 407 -2.25 16.84 -33.56
CA LEU A 407 -2.68 17.07 -32.18
C LEU A 407 -3.23 15.78 -31.62
N ARG A 408 -4.09 15.09 -32.40
CA ARG A 408 -4.67 13.80 -32.03
C ARG A 408 -3.54 12.78 -31.80
N GLU A 409 -2.52 12.79 -32.68
CA GLU A 409 -1.34 11.92 -32.62
C GLU A 409 -0.57 12.05 -31.30
N ILE A 410 -0.34 13.30 -30.82
CA ILE A 410 0.41 13.56 -29.59
C ILE A 410 -0.48 13.39 -28.32
N LEU A 411 -1.78 13.73 -28.40
CA LEU A 411 -2.69 13.54 -27.27
C LEU A 411 -3.00 12.05 -27.03
N GLU A 412 -2.83 11.21 -28.06
CA GLU A 412 -3.06 9.77 -27.97
C GLU A 412 -1.74 9.01 -27.79
N ARG A 413 -0.59 9.74 -27.84
CA ARG A 413 0.74 9.15 -27.69
C ARG A 413 1.07 8.96 -26.20
N GLY A 417 5.74 10.13 -21.70
CA GLY A 417 5.68 10.64 -23.08
C GLY A 417 6.08 12.09 -23.22
N GLU A 418 7.41 12.36 -23.29
CA GLU A 418 7.95 13.71 -23.44
C GLU A 418 7.73 14.29 -24.84
N LEU A 419 7.62 15.63 -24.94
CA LEU A 419 7.33 16.38 -26.16
C LEU A 419 8.41 17.38 -26.54
N TYR A 420 8.35 17.86 -27.78
CA TYR A 420 9.18 18.93 -28.30
C TYR A 420 8.39 20.22 -28.04
N GLU A 421 9.08 21.38 -27.98
CA GLU A 421 8.47 22.67 -27.67
C GLU A 421 7.27 23.02 -28.55
N HIS A 422 7.40 22.86 -29.89
CA HIS A 422 6.33 23.14 -30.85
C HIS A 422 5.08 22.28 -30.61
N GLU A 423 5.28 21.04 -30.11
CA GLU A 423 4.20 20.09 -29.80
C GLU A 423 3.44 20.56 -28.56
N LYS A 424 4.17 21.12 -27.55
CA LYS A 424 3.62 21.67 -26.32
C LYS A 424 2.76 22.92 -26.63
N ASP A 425 3.21 23.78 -27.57
CA ASP A 425 2.49 24.97 -27.99
C ASP A 425 1.15 24.65 -28.66
N LEU A 426 1.08 23.51 -29.40
CA LEU A 426 -0.15 23.08 -30.07
C LEU A 426 -1.19 22.62 -29.05
N VAL A 427 -0.77 21.79 -28.06
CA VAL A 427 -1.60 21.31 -26.95
C VAL A 427 -2.16 22.53 -26.20
N TRP A 428 -1.31 23.53 -25.90
CA TRP A 428 -1.70 24.74 -25.18
C TRP A 428 -2.61 25.63 -25.99
N LYS A 429 -2.37 25.75 -27.31
CA LYS A 429 -3.20 26.53 -28.22
C LYS A 429 -4.60 25.89 -28.25
N MET A 430 -4.65 24.55 -28.37
CA MET A 430 -5.85 23.74 -28.48
C MET A 430 -6.37 23.17 -27.16
N ARG A 431 -6.07 23.82 -26.02
CA ARG A 431 -6.47 23.37 -24.68
C ARG A 431 -8.00 23.17 -24.51
N HIS A 432 -8.82 24.02 -25.18
CA HIS A 432 -10.29 23.95 -25.12
C HIS A 432 -10.80 22.68 -25.79
N GLU A 433 -10.12 22.28 -26.87
CA GLU A 433 -10.43 21.06 -27.60
C GLU A 433 -9.98 19.81 -26.85
N VAL A 434 -8.94 19.96 -25.98
CA VAL A 434 -8.43 18.90 -25.10
C VAL A 434 -9.55 18.62 -24.08
N GLN A 435 -10.13 19.67 -23.49
CA GLN A 435 -11.25 19.56 -22.54
C GLN A 435 -12.48 18.91 -23.18
N GLU A 436 -12.85 19.35 -24.39
CA GLU A 436 -14.06 18.89 -25.08
C GLU A 436 -13.97 17.51 -25.80
N HIS A 437 -12.83 17.17 -26.43
CA HIS A 437 -12.77 15.92 -27.23
C HIS A 437 -11.73 14.91 -26.77
N PHE A 438 -10.80 15.33 -25.88
CA PHE A 438 -9.75 14.44 -25.33
C PHE A 438 -9.63 14.70 -23.82
N PRO A 439 -10.70 14.56 -22.99
CA PRO A 439 -10.57 14.90 -21.56
C PRO A 439 -9.58 14.03 -20.77
N GLU A 440 -9.29 12.81 -21.26
CA GLU A 440 -8.34 11.91 -20.60
C GLU A 440 -6.86 12.36 -20.83
N ALA A 441 -6.65 13.47 -21.61
CA ALA A 441 -5.33 14.02 -21.94
C ALA A 441 -4.93 15.18 -21.01
N LEU A 442 -5.76 15.39 -19.96
CA LEU A 442 -5.59 16.41 -18.92
C LEU A 442 -4.17 16.45 -18.39
N ALA A 443 -3.61 15.31 -17.96
CA ALA A 443 -2.23 15.23 -17.42
C ALA A 443 -1.19 15.76 -18.41
N ARG A 444 -1.35 15.46 -19.73
CA ARG A 444 -0.43 15.96 -20.74
C ARG A 444 -0.56 17.48 -20.84
N LEU A 445 -1.82 18.00 -20.78
CA LEU A 445 -2.11 19.44 -20.82
C LEU A 445 -1.49 20.13 -19.60
N LEU A 446 -1.70 19.58 -18.38
CA LEU A 446 -1.11 20.11 -17.14
C LEU A 446 0.44 20.21 -17.17
N LEU A 447 1.10 19.26 -17.88
CA LEU A 447 2.57 19.25 -18.02
C LEU A 447 3.10 20.32 -18.99
N VAL A 448 2.27 20.82 -19.93
CA VAL A 448 2.70 21.86 -20.85
C VAL A 448 2.41 23.27 -20.24
N THR A 449 1.39 23.38 -19.34
CA THR A 449 1.02 24.63 -18.65
C THR A 449 2.26 25.21 -17.95
N LYS A 450 2.50 26.51 -18.19
CA LYS A 450 3.60 27.30 -17.62
C LYS A 450 3.18 27.70 -16.20
N TRP A 451 3.67 26.94 -15.20
CA TRP A 451 3.29 27.17 -13.80
C TRP A 451 3.93 28.41 -13.20
N ASN A 452 4.91 29.01 -13.89
CA ASN A 452 5.58 30.24 -13.50
C ASN A 452 4.95 31.49 -14.14
N LYS A 453 3.71 31.37 -14.66
CA LYS A 453 2.96 32.48 -15.29
C LYS A 453 1.52 32.41 -14.79
N HIS A 454 1.09 33.38 -13.96
CA HIS A 454 -0.25 33.37 -13.35
C HIS A 454 -1.43 33.44 -14.35
N GLU A 455 -1.19 34.03 -15.54
CA GLU A 455 -2.20 34.17 -16.59
C GLU A 455 -2.46 32.81 -17.23
N ASP A 456 -1.37 32.02 -17.46
CA ASP A 456 -1.45 30.66 -18.01
C ASP A 456 -2.06 29.70 -17.01
N VAL A 457 -1.73 29.87 -15.71
CA VAL A 457 -2.24 29.03 -14.62
C VAL A 457 -3.75 29.23 -14.45
N ALA A 458 -4.23 30.49 -14.44
CA ALA A 458 -5.67 30.84 -14.33
C ALA A 458 -6.48 30.25 -15.49
N GLN A 459 -5.94 30.29 -16.74
CA GLN A 459 -6.62 29.68 -17.92
C GLN A 459 -6.71 28.18 -17.74
N MET A 460 -5.64 27.57 -17.22
CA MET A 460 -5.63 26.14 -16.94
C MET A 460 -6.67 25.84 -15.88
N LEU A 461 -6.71 26.65 -14.78
CA LEU A 461 -7.66 26.41 -13.71
C LEU A 461 -9.14 26.57 -14.15
N TYR A 462 -9.44 27.51 -15.05
CA TYR A 462 -10.79 27.72 -15.58
C TYR A 462 -11.33 26.48 -16.29
N LEU A 463 -10.45 25.84 -17.09
CA LEU A 463 -10.77 24.61 -17.84
C LEU A 463 -10.87 23.44 -16.92
N LEU A 464 -10.03 23.39 -15.87
CA LEU A 464 -10.06 22.27 -14.94
C LEU A 464 -11.35 22.25 -14.10
N CYS A 465 -11.89 23.44 -13.74
CA CYS A 465 -13.08 23.55 -12.91
C CYS A 465 -14.39 23.15 -13.64
N SER A 466 -14.35 22.98 -14.96
CA SER A 466 -15.50 22.46 -15.71
C SER A 466 -15.11 21.15 -16.43
N TRP A 467 -13.96 20.53 -16.00
CA TRP A 467 -13.44 19.31 -16.60
C TRP A 467 -14.29 18.11 -16.18
N PRO A 468 -14.75 17.22 -17.09
CA PRO A 468 -15.50 16.04 -16.65
C PRO A 468 -14.64 15.13 -15.77
N GLU A 469 -15.24 14.47 -14.78
CA GLU A 469 -14.56 13.51 -13.91
C GLU A 469 -13.89 12.47 -14.81
N LEU A 470 -12.69 12.04 -14.41
CA LEU A 470 -11.87 11.08 -15.16
C LEU A 470 -11.90 9.66 -14.58
N PRO A 471 -11.60 8.61 -15.39
CA PRO A 471 -11.56 7.24 -14.82
C PRO A 471 -10.49 7.12 -13.73
N VAL A 472 -10.69 6.21 -12.82
CA VAL A 472 -9.80 5.95 -11.69
C VAL A 472 -8.31 5.88 -12.10
N LEU A 473 -8.02 5.20 -13.25
CA LEU A 473 -6.64 5.09 -13.74
C LEU A 473 -6.00 6.48 -14.04
N SER A 474 -6.80 7.42 -14.58
CA SER A 474 -6.35 8.77 -14.88
C SER A 474 -6.13 9.56 -13.59
N ALA A 475 -7.02 9.39 -12.60
CA ALA A 475 -6.96 10.06 -11.29
C ALA A 475 -5.75 9.67 -10.43
N LEU A 476 -5.25 8.42 -10.58
CA LEU A 476 -4.11 7.86 -9.85
C LEU A 476 -2.83 8.49 -10.33
N GLU A 477 -2.76 8.74 -11.65
CA GLU A 477 -1.63 9.41 -12.31
C GLU A 477 -1.54 10.84 -11.82
N LEU A 478 -2.71 11.50 -11.62
CA LEU A 478 -2.82 12.90 -11.19
C LEU A 478 -2.39 13.19 -9.75
N LEU A 479 -2.28 12.15 -8.90
CA LEU A 479 -1.81 12.23 -7.51
C LEU A 479 -0.29 12.16 -7.43
N ASP A 480 0.38 12.01 -8.58
CA ASP A 480 1.82 11.99 -8.64
C ASP A 480 2.34 13.38 -8.25
N PHE A 481 3.60 13.45 -7.78
CA PHE A 481 4.17 14.72 -7.38
C PHE A 481 4.38 15.65 -8.59
N SER A 482 4.38 15.12 -9.83
CA SER A 482 4.44 15.88 -11.09
C SER A 482 3.24 16.82 -11.26
N PHE A 483 2.16 16.62 -10.46
CA PHE A 483 0.95 17.45 -10.51
C PHE A 483 0.76 18.08 -9.14
N PRO A 484 1.63 19.03 -8.73
CA PRO A 484 1.57 19.55 -7.34
C PRO A 484 0.49 20.58 -7.02
N ASP A 485 -0.23 21.09 -8.03
CA ASP A 485 -1.28 22.07 -7.75
C ASP A 485 -2.40 21.45 -6.91
N CYS A 486 -2.90 22.25 -5.93
CA CYS A 486 -3.97 21.88 -4.98
C CYS A 486 -5.34 21.71 -5.64
N TYR A 487 -5.60 22.46 -6.72
CA TYR A 487 -6.88 22.33 -7.44
C TYR A 487 -6.91 21.03 -8.26
N VAL A 488 -5.75 20.66 -8.85
CA VAL A 488 -5.54 19.39 -9.59
C VAL A 488 -5.66 18.24 -8.59
N GLY A 489 -5.02 18.40 -7.41
CA GLY A 489 -5.05 17.44 -6.32
C GLY A 489 -6.46 17.13 -5.86
N SER A 490 -7.25 18.19 -5.63
CA SER A 490 -8.67 18.13 -5.26
C SER A 490 -9.50 17.48 -6.38
N PHE A 491 -9.23 17.84 -7.67
CA PHE A 491 -9.93 17.26 -8.83
C PHE A 491 -9.66 15.76 -8.88
N ALA A 492 -8.39 15.34 -8.70
CA ALA A 492 -7.98 13.93 -8.69
C ALA A 492 -8.67 13.14 -7.58
N ILE A 493 -8.92 13.75 -6.39
CA ILE A 493 -9.62 13.09 -5.28
C ILE A 493 -11.12 12.95 -5.63
N LYS A 494 -11.69 13.97 -6.30
CA LYS A 494 -13.09 13.96 -6.76
C LYS A 494 -13.37 12.80 -7.70
N SER A 495 -12.44 12.49 -8.63
CA SER A 495 -12.57 11.38 -9.58
C SER A 495 -12.20 10.03 -8.92
N LEU A 496 -11.71 10.05 -7.68
CA LEU A 496 -11.35 8.84 -6.94
C LEU A 496 -12.43 8.47 -5.92
N ARG A 497 -13.46 9.32 -5.75
CA ARG A 497 -14.52 9.02 -4.81
C ARG A 497 -15.36 7.82 -5.26
N LYS A 498 -15.33 7.51 -6.58
CA LYS A 498 -16.05 6.40 -7.19
C LYS A 498 -15.35 5.07 -6.97
N LEU A 499 -14.11 5.10 -6.41
CA LEU A 499 -13.38 3.89 -6.06
C LEU A 499 -14.28 3.06 -5.14
N THR A 500 -14.26 1.76 -5.32
CA THR A 500 -15.02 0.85 -4.49
C THR A 500 -14.13 0.62 -3.28
N ASP A 501 -14.69 0.08 -2.20
CA ASP A 501 -13.88 -0.26 -1.05
C ASP A 501 -12.81 -1.30 -1.45
N ASP A 502 -13.13 -2.21 -2.37
CA ASP A 502 -12.21 -3.24 -2.84
C ASP A 502 -11.04 -2.64 -3.64
N GLU A 503 -11.32 -1.62 -4.47
CA GLU A 503 -10.32 -0.87 -5.24
C GLU A 503 -9.48 0.00 -4.33
N LEU A 504 -10.15 0.72 -3.41
CA LEU A 504 -9.46 1.55 -2.42
C LEU A 504 -8.49 0.70 -1.59
N PHE A 505 -8.95 -0.46 -1.09
CA PHE A 505 -8.11 -1.40 -0.32
C PHE A 505 -6.87 -1.80 -1.14
N GLN A 506 -7.07 -2.12 -2.42
CA GLN A 506 -6.02 -2.52 -3.36
C GLN A 506 -4.93 -1.41 -3.54
N TYR A 507 -5.33 -0.11 -3.55
CA TYR A 507 -4.39 1.01 -3.74
C TYR A 507 -4.09 1.88 -2.49
N LEU A 508 -4.53 1.48 -1.29
CA LEU A 508 -4.33 2.23 -0.01
C LEU A 508 -2.86 2.47 0.33
N LEU A 509 -2.01 1.46 0.12
CA LEU A 509 -0.59 1.60 0.40
C LEU A 509 0.00 2.80 -0.37
N GLN A 510 -0.35 2.96 -1.65
CA GLN A 510 0.11 4.05 -2.50
C GLN A 510 -0.48 5.39 -2.08
N LEU A 511 -1.78 5.42 -1.71
CA LEU A 511 -2.41 6.65 -1.27
C LEU A 511 -1.86 7.17 0.05
N VAL A 512 -1.33 6.27 0.92
CA VAL A 512 -0.71 6.64 2.20
C VAL A 512 0.65 7.27 1.88
N GLN A 513 1.39 6.70 0.87
CA GLN A 513 2.68 7.24 0.41
C GLN A 513 2.52 8.62 -0.12
N VAL A 514 1.39 8.89 -0.80
CA VAL A 514 1.06 10.21 -1.36
C VAL A 514 1.03 11.27 -0.23
N LEU A 515 0.56 10.89 1.01
CA LEU A 515 0.56 11.81 2.17
C LEU A 515 1.91 12.50 2.43
N LYS A 516 3.04 11.87 2.04
CA LYS A 516 4.41 12.40 2.17
C LYS A 516 4.74 13.49 1.12
N TYR A 517 3.90 13.63 0.08
CA TYR A 517 4.01 14.65 -0.95
C TYR A 517 3.17 15.89 -0.60
N GLU A 518 2.20 15.76 0.36
CA GLU A 518 1.31 16.86 0.78
C GLU A 518 2.06 17.98 1.44
N SER A 519 1.68 19.22 1.14
CA SER A 519 2.36 20.41 1.65
C SER A 519 1.76 20.89 2.96
N TYR A 520 0.47 20.57 3.19
CA TYR A 520 -0.24 20.97 4.42
C TYR A 520 -0.94 19.77 5.04
N LEU A 521 -1.25 19.86 6.33
CA LEU A 521 -1.89 18.79 7.09
C LEU A 521 -3.36 18.59 6.74
N ASP A 522 -4.15 19.70 6.72
CA ASP A 522 -5.57 19.66 6.41
C ASP A 522 -5.74 19.59 4.88
N CYS A 523 -5.75 18.39 4.35
CA CYS A 523 -5.84 18.19 2.91
C CYS A 523 -6.96 17.23 2.52
N GLU A 524 -7.45 17.38 1.27
CA GLU A 524 -8.51 16.58 0.68
C GLU A 524 -8.21 15.11 0.74
N LEU A 525 -6.93 14.70 0.54
CA LEU A 525 -6.56 13.28 0.61
C LEU A 525 -6.69 12.69 2.04
N THR A 526 -6.40 13.48 3.09
CA THR A 526 -6.52 13.05 4.50
C THR A 526 -8.00 12.89 4.88
N LYS A 527 -8.87 13.84 4.47
CA LYS A 527 -10.32 13.77 4.73
C LYS A 527 -10.93 12.58 3.99
N PHE A 528 -10.44 12.34 2.74
CA PHE A 528 -10.93 11.23 1.93
C PHE A 528 -10.50 9.87 2.55
N LEU A 529 -9.23 9.70 2.91
CA LEU A 529 -8.73 8.51 3.57
C LEU A 529 -9.41 8.29 4.94
N LEU A 530 -9.64 9.38 5.73
CA LEU A 530 -10.32 9.30 7.04
C LEU A 530 -11.81 8.91 6.94
N GLY A 531 -12.53 9.53 6.00
CA GLY A 531 -13.92 9.25 5.70
C GLY A 531 -14.13 7.82 5.27
N ARG A 532 -13.24 7.31 4.39
CA ARG A 532 -13.32 5.93 3.91
C ARG A 532 -12.90 4.91 5.01
N ALA A 533 -11.95 5.29 5.86
CA ALA A 533 -11.52 4.49 7.02
C ALA A 533 -12.65 4.36 8.04
N LEU A 534 -13.36 5.46 8.30
CA LEU A 534 -14.43 5.45 9.28
C LEU A 534 -15.71 4.78 8.82
N ALA A 535 -15.87 4.61 7.49
CA ALA A 535 -16.99 3.96 6.81
C ALA A 535 -16.79 2.43 6.56
N ASN A 536 -15.53 1.94 6.63
CA ASN A 536 -15.17 0.54 6.44
C ASN A 536 -14.11 0.18 7.50
N ARG A 537 -14.44 -0.75 8.43
CA ARG A 537 -13.53 -1.16 9.52
C ARG A 537 -12.19 -1.78 8.99
N LYS A 538 -12.22 -2.45 7.82
CA LYS A 538 -11.03 -3.04 7.22
C LYS A 538 -10.09 -1.96 6.62
N ILE A 539 -10.65 -0.90 6.03
CA ILE A 539 -9.87 0.24 5.53
C ILE A 539 -9.21 0.94 6.74
N GLY A 540 -10.02 1.15 7.79
CA GLY A 540 -9.60 1.73 9.07
C GLY A 540 -8.39 1.05 9.65
N HIS A 541 -8.45 -0.28 9.76
CA HIS A 541 -7.41 -1.17 10.26
C HIS A 541 -6.06 -0.96 9.51
N PHE A 542 -6.07 -1.01 8.18
CA PHE A 542 -4.85 -0.88 7.38
C PHE A 542 -4.38 0.55 7.28
N LEU A 543 -5.29 1.54 7.23
CA LEU A 543 -4.88 2.95 7.31
C LEU A 543 -4.08 3.12 8.62
N PHE A 544 -4.65 2.70 9.76
CA PHE A 544 -3.95 2.77 11.04
C PHE A 544 -2.55 2.13 10.99
N TRP A 545 -2.42 0.88 10.54
CA TRP A 545 -1.14 0.17 10.52
C TRP A 545 -0.13 0.78 9.56
N HIS A 546 -0.56 1.28 8.40
CA HIS A 546 0.35 1.91 7.44
C HIS A 546 0.97 3.20 8.02
N LEU A 547 0.19 3.94 8.81
CA LEU A 547 0.61 5.16 9.51
C LEU A 547 1.46 4.81 10.74
N ARG A 548 0.99 3.86 11.57
CA ARG A 548 1.64 3.42 12.82
C ARG A 548 3.03 2.87 12.59
N SER A 549 3.22 2.15 11.48
CA SER A 549 4.51 1.52 11.16
C SER A 549 5.62 2.54 10.81
N GLU A 550 5.26 3.83 10.60
CA GLU A 550 6.19 4.89 10.22
C GLU A 550 6.35 5.98 11.28
N MET A 551 5.93 5.70 12.52
CA MET A 551 6.04 6.70 13.60
C MET A 551 7.50 6.94 14.07
N HIS A 552 8.41 5.99 13.78
CA HIS A 552 9.85 6.10 14.09
C HIS A 552 10.57 7.00 13.09
N VAL A 553 9.92 7.35 11.96
CA VAL A 553 10.43 8.24 10.91
C VAL A 553 10.02 9.71 11.28
N PRO A 554 10.99 10.57 11.68
CA PRO A 554 10.63 11.94 12.14
C PRO A 554 10.00 12.88 11.13
N SER A 555 10.24 12.66 9.83
CA SER A 555 9.64 13.50 8.79
C SER A 555 8.16 13.32 8.66
N VAL A 556 7.62 12.19 9.11
CA VAL A 556 6.19 11.89 9.01
C VAL A 556 5.46 11.74 10.34
N ALA A 557 6.19 11.58 11.48
CA ALA A 557 5.62 11.30 12.77
C ALA A 557 4.53 12.27 13.21
N LEU A 558 4.63 13.56 12.84
CA LEU A 558 3.62 14.53 13.21
C LEU A 558 2.36 14.35 12.35
N ARG A 559 2.53 14.30 11.03
CA ARG A 559 1.42 14.07 10.12
C ARG A 559 0.68 12.79 10.49
N PHE A 560 1.42 11.67 10.57
CA PHE A 560 0.88 10.34 10.85
C PHE A 560 0.24 10.24 12.22
N GLY A 561 0.88 10.79 13.25
CA GLY A 561 0.33 10.78 14.59
C GLY A 561 -0.98 11.53 14.67
N LEU A 562 -1.09 12.65 13.95
CA LEU A 562 -2.28 13.51 13.91
C LEU A 562 -3.46 12.85 13.22
N ILE A 563 -3.22 12.07 12.14
CA ILE A 563 -4.27 11.33 11.43
C ILE A 563 -4.80 10.18 12.33
N MET A 564 -3.91 9.44 12.99
CA MET A 564 -4.31 8.33 13.87
C MET A 564 -5.13 8.81 15.08
N GLU A 565 -4.76 9.94 15.68
CA GLU A 565 -5.52 10.54 16.79
C GLU A 565 -6.93 10.87 16.33
N ALA A 566 -7.06 11.53 15.14
CA ALA A 566 -8.32 11.88 14.51
C ALA A 566 -9.14 10.62 14.26
N TYR A 567 -8.50 9.55 13.75
CA TYR A 567 -9.19 8.30 13.49
C TYR A 567 -9.81 7.72 14.78
N CYS A 568 -8.99 7.71 15.87
CA CYS A 568 -9.35 7.21 17.21
C CYS A 568 -10.52 7.97 17.78
N ARG A 569 -10.64 9.28 17.45
CA ARG A 569 -11.75 10.11 17.86
C ARG A 569 -13.06 9.55 17.30
N GLY A 570 -12.99 9.06 16.04
CA GLY A 570 -14.11 8.46 15.32
C GLY A 570 -14.42 7.00 15.64
N SER A 571 -13.56 6.30 16.41
CA SER A 571 -13.75 4.90 16.81
C SER A 571 -12.97 4.49 18.07
N THR A 572 -13.57 4.73 19.24
CA THR A 572 -13.06 4.43 20.57
C THR A 572 -12.85 2.94 20.68
N HIS A 573 -13.87 2.17 20.29
CA HIS A 573 -13.85 0.73 20.29
C HIS A 573 -12.67 0.17 19.45
N HIS A 574 -12.51 0.62 18.17
CA HIS A 574 -11.42 0.13 17.32
C HIS A 574 -10.05 0.50 17.86
N MET A 575 -9.94 1.66 18.56
CA MET A 575 -8.72 2.10 19.24
C MET A 575 -8.30 1.02 20.26
N LYS A 576 -9.27 0.55 21.09
CA LYS A 576 -9.07 -0.46 22.13
C LYS A 576 -8.68 -1.84 21.53
N VAL A 577 -9.24 -2.16 20.37
CA VAL A 577 -8.99 -3.36 19.60
C VAL A 577 -7.56 -3.30 19.04
N LEU A 578 -7.17 -2.15 18.47
CA LEU A 578 -5.79 -1.96 17.95
C LEU A 578 -4.72 -1.96 19.09
N MET A 579 -5.12 -1.46 20.32
CA MET A 579 -4.27 -1.47 21.51
C MET A 579 -4.00 -2.91 21.92
N LYS A 580 -5.00 -3.80 21.79
CA LYS A 580 -4.80 -5.21 22.10
C LYS A 580 -3.73 -5.80 21.12
N GLN A 581 -3.78 -5.41 19.81
CA GLN A 581 -2.80 -5.77 18.78
C GLN A 581 -1.39 -5.27 19.14
N GLY A 582 -1.28 -4.01 19.56
CA GLY A 582 -0.04 -3.43 20.01
C GLY A 582 0.58 -4.09 21.25
N GLU A 583 -0.25 -4.53 22.19
CA GLU A 583 0.17 -5.24 23.43
C GLU A 583 0.75 -6.62 23.09
N ALA A 584 0.23 -7.26 22.03
CA ALA A 584 0.73 -8.54 21.58
C ALA A 584 2.11 -8.32 20.90
N LEU A 585 2.21 -7.29 20.08
CA LEU A 585 3.44 -6.94 19.32
C LEU A 585 4.58 -6.53 20.25
N SER A 586 4.21 -5.82 21.33
CA SER A 586 5.15 -5.39 22.36
C SER A 586 5.81 -6.60 23.01
N LYS A 587 5.02 -7.62 23.36
CA LYS A 587 5.44 -8.88 23.97
C LYS A 587 6.34 -9.70 23.04
N LEU A 588 5.97 -9.74 21.74
CA LEU A 588 6.68 -10.43 20.68
C LEU A 588 8.08 -9.85 20.54
N LYS A 589 8.20 -8.52 20.58
CA LYS A 589 9.49 -7.84 20.52
C LYS A 589 10.37 -8.28 21.68
N ALA A 590 9.82 -8.28 22.92
CA ALA A 590 10.60 -8.68 24.09
C ALA A 590 11.01 -10.16 23.98
N LEU A 591 10.07 -11.04 23.55
CA LEU A 591 10.32 -12.47 23.33
C LEU A 591 11.39 -12.70 22.25
N ASN A 592 11.34 -11.93 21.16
CA ASN A 592 12.30 -12.05 20.05
C ASN A 592 13.67 -11.58 20.49
N ASP A 593 13.75 -10.53 21.33
CA ASP A 593 15.03 -10.08 21.93
C ASP A 593 15.65 -11.19 22.75
N PHE A 594 14.84 -11.88 23.56
CA PHE A 594 15.31 -13.03 24.35
C PHE A 594 15.98 -14.08 23.44
N VAL A 595 15.31 -14.44 22.35
CA VAL A 595 15.68 -15.48 21.40
C VAL A 595 16.97 -15.12 20.69
N LYS A 596 17.08 -13.88 20.17
CA LYS A 596 18.32 -13.37 19.54
C LYS A 596 19.55 -13.60 20.47
N VAL A 597 19.46 -13.16 21.74
CA VAL A 597 20.50 -13.33 22.77
C VAL A 597 20.76 -14.82 23.09
N SER A 598 19.69 -15.57 23.38
CA SER A 598 19.79 -17.00 23.72
C SER A 598 20.38 -17.90 22.59
N SER A 599 20.04 -17.62 21.32
CA SER A 599 20.48 -18.40 20.16
C SER A 599 22.01 -18.34 19.96
N GLN A 600 22.66 -17.30 20.49
CA GLN A 600 24.10 -17.12 20.44
C GLN A 600 24.83 -17.79 21.61
N LYS A 601 24.11 -18.14 22.70
CA LYS A 601 24.69 -18.70 23.90
C LYS A 601 24.45 -20.18 24.16
N THR A 602 23.43 -20.79 23.52
CA THR A 602 23.09 -22.18 23.80
C THR A 602 22.49 -22.85 22.58
N THR A 603 22.06 -24.11 22.74
CA THR A 603 21.45 -24.94 21.70
C THR A 603 19.99 -24.54 21.44
N LYS A 604 19.52 -24.79 20.20
CA LYS A 604 18.16 -24.49 19.78
C LYS A 604 17.12 -25.18 20.67
N PRO A 605 17.25 -26.49 21.06
CA PRO A 605 16.23 -27.07 21.97
C PRO A 605 16.13 -26.29 23.26
N GLN A 606 17.29 -25.80 23.77
CA GLN A 606 17.33 -25.02 25.00
C GLN A 606 16.67 -23.63 24.87
N THR A 607 16.93 -22.90 23.77
CA THR A 607 16.36 -21.59 23.47
C THR A 607 14.83 -21.72 23.22
N LYS A 608 14.41 -22.81 22.54
CA LYS A 608 13.02 -23.08 22.21
C LYS A 608 12.24 -23.36 23.51
N GLU A 609 12.84 -24.12 24.45
CA GLU A 609 12.18 -24.38 25.73
C GLU A 609 12.01 -23.12 26.57
N MET A 610 13.06 -22.29 26.66
CA MET A 610 13.00 -21.04 27.41
C MET A 610 12.00 -20.07 26.78
N MET A 611 11.93 -20.04 25.44
CA MET A 611 10.95 -19.25 24.69
C MET A 611 9.53 -19.65 25.17
N HIS A 612 9.29 -20.97 25.27
CA HIS A 612 8.04 -21.58 25.70
C HIS A 612 7.64 -21.20 27.12
N MET A 613 8.59 -21.30 28.08
CA MET A 613 8.39 -20.95 29.49
C MET A 613 8.05 -19.46 29.63
N CYS A 614 8.73 -18.61 28.83
CA CYS A 614 8.48 -17.18 28.80
C CYS A 614 7.05 -16.89 28.31
N MET A 615 6.60 -17.66 27.30
CA MET A 615 5.26 -17.54 26.72
C MET A 615 4.20 -18.00 27.71
N ARG A 616 4.55 -18.99 28.55
CA ARG A 616 3.66 -19.60 29.54
C ARG A 616 3.39 -18.70 30.77
N GLN A 617 4.05 -17.52 30.84
CA GLN A 617 3.84 -16.54 31.91
C GLN A 617 2.47 -15.92 31.67
N GLU A 618 1.67 -15.70 32.75
CA GLU A 618 0.32 -15.08 32.75
C GLU A 618 0.25 -13.88 31.79
N THR A 619 1.15 -12.89 31.98
CA THR A 619 1.28 -11.67 31.18
C THR A 619 1.44 -11.94 29.67
N TYR A 620 2.20 -12.99 29.33
CA TYR A 620 2.41 -13.37 27.96
C TYR A 620 1.17 -14.05 27.36
N MET A 621 0.58 -15.03 28.08
CA MET A 621 -0.60 -15.80 27.70
C MET A 621 -1.78 -14.85 27.53
N GLU A 622 -1.90 -13.84 28.38
CA GLU A 622 -2.96 -12.85 28.24
C GLU A 622 -2.78 -11.90 27.05
N ALA A 623 -1.56 -11.34 26.87
CA ALA A 623 -1.30 -10.39 25.78
C ALA A 623 -1.26 -11.02 24.41
N LEU A 624 -0.72 -12.24 24.31
CA LEU A 624 -0.61 -12.94 23.04
C LEU A 624 -1.91 -13.66 22.60
N SER A 625 -2.96 -13.70 23.42
CA SER A 625 -4.20 -14.39 23.08
C SER A 625 -5.39 -13.47 22.85
N HIS A 626 -6.41 -13.95 22.12
CA HIS A 626 -7.68 -13.26 21.89
C HIS A 626 -7.53 -11.86 21.24
N LEU A 627 -6.94 -11.83 20.08
CA LEU A 627 -6.78 -10.58 19.32
C LEU A 627 -7.15 -10.80 17.84
N GLN A 628 -7.42 -9.72 17.11
CA GLN A 628 -7.63 -9.77 15.66
C GLN A 628 -6.23 -9.75 15.11
N SER A 629 -6.03 -10.39 13.95
CA SER A 629 -4.70 -10.37 13.38
C SER A 629 -4.41 -9.04 12.72
N PRO A 630 -3.24 -8.40 12.99
CA PRO A 630 -2.90 -7.15 12.26
C PRO A 630 -2.76 -7.40 10.75
N LEU A 631 -2.50 -8.69 10.37
CA LEU A 631 -2.36 -9.13 8.98
C LEU A 631 -3.72 -9.18 8.27
N ASP A 632 -4.79 -9.39 9.02
CA ASP A 632 -6.14 -9.54 8.47
C ASP A 632 -7.12 -9.44 9.64
N PRO A 633 -7.88 -8.33 9.77
CA PRO A 633 -8.82 -8.22 10.91
C PRO A 633 -9.95 -9.28 10.94
N SER A 634 -10.19 -9.98 9.84
CA SER A 634 -11.19 -11.08 9.76
C SER A 634 -10.68 -12.32 10.49
N THR A 635 -9.35 -12.43 10.59
CA THR A 635 -8.67 -13.52 11.24
C THR A 635 -8.56 -13.27 12.74
N LEU A 636 -9.13 -14.19 13.52
CA LEU A 636 -9.07 -14.15 14.98
C LEU A 636 -7.92 -15.05 15.47
N LEU A 637 -6.99 -14.46 16.24
CA LEU A 637 -5.88 -15.21 16.82
C LEU A 637 -6.38 -15.50 18.23
N GLU A 638 -6.85 -16.73 18.50
CA GLU A 638 -7.46 -17.06 19.77
C GLU A 638 -6.52 -17.55 20.87
N GLU A 639 -6.28 -18.88 20.96
CA GLU A 639 -5.40 -19.46 21.97
C GLU A 639 -4.07 -19.76 21.31
N VAL A 640 -3.01 -19.13 21.81
CA VAL A 640 -1.65 -19.37 21.34
C VAL A 640 -1.28 -20.80 21.74
N CYS A 641 -0.78 -21.59 20.77
CA CYS A 641 -0.34 -22.97 20.99
C CYS A 641 1.15 -22.88 21.21
N VAL A 642 1.54 -22.70 22.46
CA VAL A 642 2.94 -22.56 22.91
C VAL A 642 3.82 -23.72 22.40
N GLU A 643 3.33 -24.94 22.46
CA GLU A 643 4.10 -26.10 22.05
C GLU A 643 4.47 -26.12 20.59
N GLN A 644 3.63 -25.51 19.75
CA GLN A 644 3.85 -25.41 18.31
C GLN A 644 4.62 -24.15 17.89
N CYS A 645 5.04 -23.29 18.86
CA CYS A 645 5.77 -22.06 18.52
C CYS A 645 7.24 -22.37 18.49
N THR A 646 7.99 -21.66 17.62
CA THR A 646 9.44 -21.82 17.49
C THR A 646 10.03 -20.52 16.89
N PHE A 647 11.22 -20.58 16.31
CA PHE A 647 11.86 -19.45 15.66
C PHE A 647 12.73 -20.01 14.53
N MET A 648 13.01 -19.19 13.48
CA MET A 648 13.89 -19.58 12.36
C MET A 648 15.34 -19.32 12.67
N ASP A 649 16.22 -20.00 11.93
CA ASP A 649 17.68 -19.94 12.11
C ASP A 649 18.33 -18.77 11.43
N SER A 650 17.58 -17.97 10.67
CA SER A 650 18.11 -16.78 9.98
C SER A 650 18.52 -15.68 10.99
N LYS A 651 19.37 -14.74 10.52
CA LYS A 651 19.96 -13.63 11.28
C LYS A 651 19.06 -13.01 12.38
N MET A 652 17.87 -12.58 12.02
CA MET A 652 16.95 -11.91 12.93
C MET A 652 16.14 -12.87 13.81
N LYS A 653 16.38 -14.18 13.68
CA LYS A 653 15.72 -15.28 14.43
C LYS A 653 14.18 -15.03 14.53
N PRO A 654 13.47 -14.92 13.37
CA PRO A 654 12.05 -14.60 13.43
C PRO A 654 11.24 -15.66 14.16
N LEU A 655 10.21 -15.20 14.90
CA LEU A 655 9.34 -16.09 15.68
C LEU A 655 8.22 -16.66 14.80
N TRP A 656 7.85 -17.91 15.06
CA TRP A 656 6.81 -18.66 14.36
C TRP A 656 5.78 -18.92 15.46
N ILE A 657 4.66 -18.16 15.43
CA ILE A 657 3.63 -18.22 16.47
C ILE A 657 2.38 -18.88 15.91
N MET A 658 1.93 -19.98 16.54
CA MET A 658 0.76 -20.75 16.13
C MET A 658 -0.39 -20.49 17.11
N TYR A 659 -1.59 -20.48 16.58
CA TYR A 659 -2.83 -20.23 17.30
C TYR A 659 -3.85 -21.30 16.96
N SER A 660 -4.86 -21.47 17.85
CA SER A 660 -6.00 -22.38 17.65
C SER A 660 -7.24 -21.73 18.20
N SER A 661 -8.41 -22.16 17.70
CA SER A 661 -9.72 -21.63 18.03
C SER A 661 -10.72 -22.78 17.93
N GLU A 662 -11.32 -23.20 19.07
CA GLU A 662 -12.33 -24.26 19.09
C GLU A 662 -13.55 -23.86 18.25
N GLU A 663 -13.98 -22.57 18.33
CA GLU A 663 -15.11 -22.02 17.57
C GLU A 663 -14.93 -22.01 16.06
N ALA A 664 -13.70 -21.83 15.58
CA ALA A 664 -13.40 -21.86 14.15
C ALA A 664 -13.08 -23.25 13.63
N GLY A 665 -12.72 -24.19 14.53
CA GLY A 665 -12.29 -25.55 14.20
C GLY A 665 -10.98 -25.51 13.40
N SER A 666 -10.78 -26.45 12.46
CA SER A 666 -9.60 -26.53 11.56
C SER A 666 -9.20 -25.19 10.87
N ALA A 667 -10.16 -24.27 10.68
CA ALA A 667 -9.92 -22.95 10.07
C ALA A 667 -9.23 -21.97 11.03
N GLY A 668 -9.38 -22.20 12.34
CA GLY A 668 -8.80 -21.36 13.38
C GLY A 668 -7.36 -21.66 13.68
N ASN A 669 -6.76 -22.65 12.96
CA ASN A 669 -5.36 -23.01 13.14
C ASN A 669 -4.62 -22.14 12.16
N VAL A 670 -4.10 -21.06 12.67
CA VAL A 670 -3.44 -20.00 11.91
C VAL A 670 -2.14 -19.67 12.57
N GLY A 671 -1.18 -19.25 11.76
CA GLY A 671 0.12 -18.83 12.26
C GLY A 671 0.52 -17.47 11.72
N ILE A 672 1.40 -16.77 12.48
CA ILE A 672 2.02 -15.48 12.14
C ILE A 672 3.51 -15.63 12.35
N ILE A 673 4.29 -14.86 11.60
CA ILE A 673 5.73 -14.83 11.78
C ILE A 673 6.00 -13.42 12.20
N PHE A 674 6.71 -13.25 13.31
CA PHE A 674 7.10 -11.93 13.79
C PHE A 674 8.58 -11.78 13.47
N LYS A 675 8.90 -10.73 12.72
CA LYS A 675 10.28 -10.44 12.32
C LYS A 675 10.71 -9.02 12.67
N ASN A 676 11.77 -8.95 13.47
CA ASN A 676 12.37 -7.72 13.94
C ASN A 676 13.85 -7.65 13.51
N GLY A 677 14.22 -6.54 12.89
CA GLY A 677 15.57 -6.31 12.39
C GLY A 677 15.64 -5.88 10.94
N ASP A 678 14.68 -6.30 10.09
CA ASP A 678 14.66 -5.93 8.67
C ASP A 678 13.53 -4.96 8.29
N ASP A 679 13.73 -4.19 7.23
CA ASP A 679 12.69 -3.30 6.71
C ASP A 679 11.79 -4.22 5.90
N LEU A 680 10.47 -4.30 6.26
CA LEU A 680 9.55 -5.20 5.57
C LEU A 680 8.64 -4.55 4.49
N ARG A 681 8.80 -3.25 4.25
CA ARG A 681 8.03 -2.44 3.29
C ARG A 681 8.12 -2.92 1.82
N GLN A 682 9.33 -3.34 1.35
CA GLN A 682 9.50 -3.89 -0.01
C GLN A 682 8.79 -5.27 -0.18
N ASP A 683 8.85 -6.13 0.85
CA ASP A 683 8.17 -7.43 0.84
C ASP A 683 6.69 -7.22 0.71
N MET A 684 6.14 -6.30 1.52
CA MET A 684 4.74 -5.94 1.44
C MET A 684 4.36 -5.44 0.07
N LEU A 685 5.14 -4.51 -0.53
CA LEU A 685 4.83 -3.98 -1.86
C LEU A 685 4.83 -5.07 -2.92
N THR A 686 5.91 -5.88 -2.98
CA THR A 686 6.02 -6.98 -3.95
C THR A 686 4.81 -7.92 -3.86
N LEU A 687 4.49 -8.36 -2.64
CA LEU A 687 3.37 -9.27 -2.41
C LEU A 687 2.01 -8.68 -2.81
N GLN A 688 1.81 -7.36 -2.60
CA GLN A 688 0.61 -6.63 -3.00
C GLN A 688 0.50 -6.55 -4.53
N MET A 689 1.66 -6.39 -5.23
CA MET A 689 1.79 -6.40 -6.69
C MET A 689 1.47 -7.82 -7.23
N ILE A 690 1.99 -8.90 -6.58
CA ILE A 690 1.66 -10.31 -6.91
C ILE A 690 0.13 -10.52 -6.75
N GLN A 691 -0.46 -10.00 -5.67
CA GLN A 691 -1.91 -10.13 -5.44
C GLN A 691 -2.75 -9.38 -6.50
N LEU A 692 -2.28 -8.20 -6.90
CA LEU A 692 -2.91 -7.40 -7.94
C LEU A 692 -2.90 -8.19 -9.26
N MET A 693 -1.76 -8.82 -9.61
CA MET A 693 -1.58 -9.65 -10.81
C MET A 693 -2.63 -10.73 -10.81
N ASP A 694 -2.71 -11.48 -9.68
CA ASP A 694 -3.71 -12.53 -9.45
C ASP A 694 -5.15 -11.98 -9.69
N VAL A 695 -5.48 -10.79 -9.16
CA VAL A 695 -6.80 -10.15 -9.39
C VAL A 695 -7.05 -9.88 -10.87
N LEU A 696 -6.05 -9.30 -11.60
CA LEU A 696 -6.16 -9.00 -13.04
C LEU A 696 -6.31 -10.27 -13.84
N TRP A 697 -5.50 -11.30 -13.50
CA TRP A 697 -5.58 -12.58 -14.17
C TRP A 697 -6.97 -13.18 -13.98
N LYS A 698 -7.47 -13.22 -12.70
CA LYS A 698 -8.79 -13.77 -12.37
C LYS A 698 -9.95 -13.07 -13.06
N GLN A 699 -9.82 -11.75 -13.32
CA GLN A 699 -10.85 -10.96 -14.00
C GLN A 699 -10.98 -11.33 -15.47
N GLU A 700 -9.93 -11.93 -16.07
CA GLU A 700 -9.89 -12.46 -17.43
C GLU A 700 -10.11 -14.02 -17.41
N GLY A 701 -10.65 -14.54 -16.30
CA GLY A 701 -10.93 -15.96 -16.14
C GLY A 701 -9.72 -16.87 -15.94
N LEU A 702 -8.54 -16.30 -15.62
CA LEU A 702 -7.29 -17.03 -15.39
C LEU A 702 -6.88 -17.13 -13.91
N ASP A 703 -7.05 -18.29 -13.28
CA ASP A 703 -6.65 -18.56 -11.90
C ASP A 703 -5.32 -19.34 -11.88
N LEU A 704 -4.18 -18.66 -11.64
CA LEU A 704 -2.88 -19.33 -11.63
C LEU A 704 -2.48 -19.83 -10.26
N ARG A 705 -3.47 -19.95 -9.36
CA ARG A 705 -3.35 -20.57 -8.06
C ARG A 705 -2.20 -19.99 -7.24
N MET A 706 -2.20 -18.64 -7.10
CA MET A 706 -1.15 -17.87 -6.41
C MET A 706 -1.27 -17.95 -4.91
N THR A 707 -0.21 -17.54 -4.17
CA THR A 707 -0.16 -17.51 -2.72
C THR A 707 0.40 -16.13 -2.27
N PRO A 708 -0.43 -15.06 -2.35
CA PRO A 708 0.05 -13.74 -1.93
C PRO A 708 -0.26 -13.60 -0.43
N TYR A 709 0.51 -14.31 0.39
CA TYR A 709 0.37 -14.39 1.85
C TYR A 709 0.63 -12.99 2.45
N GLY A 710 -0.06 -12.68 3.56
CA GLY A 710 0.08 -11.39 4.24
C GLY A 710 1.50 -11.07 4.67
N CYS A 711 1.85 -9.78 4.59
CA CYS A 711 3.10 -9.20 5.08
C CYS A 711 2.83 -7.78 5.50
N LEU A 712 2.99 -7.50 6.79
CA LEU A 712 2.68 -6.18 7.27
C LEU A 712 3.70 -5.58 8.22
N PRO A 713 4.42 -4.49 7.81
CA PRO A 713 5.22 -3.73 8.77
C PRO A 713 4.27 -3.12 9.81
N THR A 714 4.72 -3.12 11.09
CA THR A 714 3.97 -2.63 12.25
C THR A 714 4.75 -1.56 13.06
N GLY A 715 6.07 -1.57 12.93
CA GLY A 715 6.96 -0.68 13.68
C GLY A 715 8.31 -0.56 13.01
N ASP A 716 9.28 0.00 13.74
CA ASP A 716 10.63 0.19 13.25
C ASP A 716 11.28 -1.16 12.93
N ARG A 717 11.53 -1.43 11.64
CA ARG A 717 12.12 -2.68 11.15
C ARG A 717 11.46 -3.91 11.79
N THR A 718 10.15 -3.82 11.94
CA THR A 718 9.29 -4.83 12.58
C THR A 718 8.08 -5.05 11.74
N GLY A 719 7.62 -6.28 11.72
CA GLY A 719 6.41 -6.68 11.01
C GLY A 719 6.01 -8.13 11.20
N LEU A 720 4.85 -8.49 10.61
CA LEU A 720 4.32 -9.84 10.65
C LEU A 720 4.23 -10.36 9.24
N ILE A 721 4.33 -11.68 9.09
CA ILE A 721 4.19 -12.42 7.84
C ILE A 721 3.14 -13.51 8.13
N GLU A 722 2.23 -13.74 7.20
CA GLU A 722 1.22 -14.78 7.34
C GLU A 722 1.84 -16.13 7.06
N VAL A 723 1.59 -17.10 7.96
CA VAL A 723 2.07 -18.48 7.80
C VAL A 723 1.11 -19.21 6.81
N VAL A 724 1.68 -19.91 5.84
CA VAL A 724 0.96 -20.76 4.92
C VAL A 724 1.28 -22.17 5.43
N LEU A 725 0.28 -22.82 6.05
CA LEU A 725 0.44 -24.16 6.63
C LEU A 725 0.51 -25.18 5.57
N HIS A 726 1.11 -26.37 5.84
CA HIS A 726 1.23 -27.47 4.89
C HIS A 726 2.15 -27.10 3.71
N SER A 727 3.19 -26.33 4.02
CA SER A 727 4.16 -25.90 3.04
C SER A 727 5.55 -26.08 3.54
N ASP A 728 6.45 -26.35 2.61
CA ASP A 728 7.85 -26.61 2.89
C ASP A 728 8.67 -26.00 1.75
N THR A 729 9.92 -25.69 2.04
CA THR A 729 10.81 -25.11 1.04
C THR A 729 11.28 -26.22 0.12
N ILE A 730 11.63 -25.84 -1.14
CA ILE A 730 12.23 -26.76 -2.12
C ILE A 730 13.50 -27.37 -1.49
N ALA A 731 14.32 -26.54 -0.83
CA ALA A 731 15.57 -26.98 -0.15
C ALA A 731 15.31 -28.14 0.83
N ASN A 732 14.24 -28.05 1.64
CA ASN A 732 13.88 -29.13 2.57
C ASN A 732 13.46 -30.40 1.88
N ILE A 733 12.58 -30.28 0.89
CA ILE A 733 12.14 -31.43 0.11
C ILE A 733 13.33 -32.06 -0.63
N GLN A 734 14.20 -31.24 -1.29
CA GLN A 734 15.36 -31.73 -2.02
C GLN A 734 16.45 -32.35 -1.14
N LEU A 735 16.38 -32.19 0.22
CA LEU A 735 17.35 -32.80 1.13
C LEU A 735 17.45 -34.31 0.89
N ASN A 736 16.33 -34.92 0.45
CA ASN A 736 16.22 -36.33 0.10
C ASN A 736 16.64 -37.24 1.25
N LYS A 737 16.08 -36.94 2.45
CA LYS A 737 16.36 -37.70 3.67
C LYS A 737 15.87 -39.13 3.48
N SER A 738 16.58 -40.10 4.07
CA SER A 738 16.15 -41.50 4.00
C SER A 738 15.05 -41.70 5.05
N ASN A 739 14.26 -42.80 4.92
CA ASN A 739 13.17 -43.16 5.84
C ASN A 739 12.07 -42.08 5.81
N MET A 740 11.70 -41.72 4.58
CA MET A 740 10.69 -40.72 4.27
C MET A 740 9.87 -41.26 3.10
N ALA A 741 8.62 -40.83 2.98
CA ALA A 741 7.75 -41.28 1.88
C ALA A 741 8.23 -40.75 0.50
N ALA A 742 9.01 -39.63 0.47
CA ALA A 742 9.53 -39.00 -0.75
C ALA A 742 10.98 -39.44 -1.18
N THR A 743 11.64 -40.37 -0.44
CA THR A 743 13.01 -40.85 -0.73
C THR A 743 13.14 -41.39 -2.18
N ALA A 744 13.96 -40.69 -3.00
CA ALA A 744 14.15 -40.92 -4.43
C ALA A 744 15.45 -41.67 -4.85
N ALA A 745 15.46 -42.20 -6.10
CA ALA A 745 16.58 -42.89 -6.76
C ALA A 745 17.47 -41.86 -7.46
N PHE A 746 16.84 -40.75 -7.91
CA PHE A 746 17.46 -39.58 -8.55
C PHE A 746 16.93 -38.37 -7.80
N ASN A 747 17.78 -37.35 -7.51
CA ASN A 747 17.33 -36.17 -6.77
C ASN A 747 16.22 -35.40 -7.53
N LYS A 748 16.17 -35.50 -8.87
CA LYS A 748 15.15 -34.84 -9.71
C LYS A 748 13.72 -35.36 -9.47
N ASP A 749 13.61 -36.55 -8.83
CA ASP A 749 12.35 -37.21 -8.53
C ASP A 749 11.74 -36.75 -7.19
N ALA A 750 12.59 -36.24 -6.26
CA ALA A 750 12.21 -35.91 -4.88
C ALA A 750 10.95 -35.06 -4.75
N LEU A 751 10.90 -33.95 -5.50
CA LEU A 751 9.79 -33.02 -5.45
C LEU A 751 8.47 -33.67 -6.00
N LEU A 752 8.59 -34.53 -7.03
CA LEU A 752 7.43 -35.26 -7.58
C LEU A 752 7.01 -36.38 -6.60
N ASN A 753 7.98 -37.05 -5.94
CA ASN A 753 7.69 -38.10 -4.96
C ASN A 753 6.98 -37.51 -3.74
N TRP A 754 7.36 -36.27 -3.36
CA TRP A 754 6.79 -35.56 -2.22
C TRP A 754 5.34 -35.23 -2.56
N LEU A 755 5.10 -34.70 -3.77
CA LEU A 755 3.79 -34.41 -4.31
C LEU A 755 2.91 -35.67 -4.33
N LYS A 756 3.51 -36.81 -4.68
CA LYS A 756 2.88 -38.14 -4.71
C LYS A 756 2.44 -38.59 -3.29
N SER A 757 3.28 -38.38 -2.26
CA SER A 757 2.94 -38.78 -0.89
C SER A 757 1.90 -37.89 -0.28
N LYS A 758 1.77 -36.65 -0.77
CA LYS A 758 0.80 -35.72 -0.23
C LYS A 758 -0.52 -35.85 -0.99
N ASN A 759 -0.45 -36.38 -2.22
CA ASN A 759 -1.64 -36.53 -3.08
C ASN A 759 -1.75 -37.96 -3.62
N PRO A 760 -2.24 -38.92 -2.78
CA PRO A 760 -2.33 -40.31 -3.25
C PRO A 760 -3.43 -40.53 -4.28
N GLY A 761 -3.24 -41.58 -5.09
CA GLY A 761 -4.14 -42.02 -6.15
C GLY A 761 -4.40 -41.00 -7.24
N GLU A 762 -5.69 -40.71 -7.46
CA GLU A 762 -6.19 -39.74 -8.45
C GLU A 762 -5.85 -38.29 -8.13
N ALA A 763 -5.49 -37.99 -6.87
CA ALA A 763 -5.18 -36.61 -6.44
C ALA A 763 -3.89 -36.02 -7.05
N LEU A 764 -2.90 -36.90 -7.46
CA LEU A 764 -1.63 -36.48 -8.07
C LEU A 764 -1.81 -35.53 -9.26
N ASP A 765 -2.75 -35.86 -10.15
CA ASP A 765 -3.10 -35.14 -11.38
C ASP A 765 -3.44 -33.66 -11.17
N ARG A 766 -4.30 -33.34 -10.19
CA ARG A 766 -4.62 -31.94 -9.90
C ARG A 766 -3.46 -31.23 -9.18
N ALA A 767 -2.58 -31.99 -8.44
CA ALA A 767 -1.43 -31.38 -7.76
C ALA A 767 -0.39 -30.91 -8.81
N ILE A 768 -0.13 -31.75 -9.82
CA ILE A 768 0.74 -31.35 -10.94
C ILE A 768 0.14 -30.12 -11.69
N GLU A 769 -1.19 -30.02 -11.80
CA GLU A 769 -1.84 -28.87 -12.43
C GLU A 769 -1.68 -27.59 -11.61
N GLU A 770 -1.84 -27.69 -10.26
CA GLU A 770 -1.67 -26.58 -9.30
C GLU A 770 -0.26 -26.03 -9.36
N PHE A 771 0.72 -26.94 -9.41
CA PHE A 771 2.16 -26.64 -9.52
C PHE A 771 2.43 -25.88 -10.81
N THR A 772 1.86 -26.36 -11.94
CA THR A 772 2.04 -25.81 -13.29
C THR A 772 1.51 -24.40 -13.36
N LEU A 773 0.25 -24.23 -12.92
CA LEU A 773 -0.44 -22.95 -12.91
C LEU A 773 0.31 -21.94 -12.08
N SER A 774 0.63 -22.27 -10.80
CA SER A 774 1.35 -21.38 -9.88
C SER A 774 2.76 -21.06 -10.33
N CYS A 775 3.47 -22.07 -10.87
CA CYS A 775 4.78 -21.90 -11.48
C CYS A 775 4.70 -20.90 -12.63
N ALA A 776 3.72 -21.02 -13.56
CA ALA A 776 3.57 -20.05 -14.62
C ALA A 776 3.37 -18.60 -14.09
N GLY A 777 2.49 -18.44 -13.10
CA GLY A 777 2.27 -17.14 -12.48
C GLY A 777 3.51 -16.59 -11.80
N TYR A 778 4.29 -17.44 -11.11
CA TYR A 778 5.48 -16.99 -10.39
C TYR A 778 6.61 -16.73 -11.33
N CYS A 779 6.69 -17.47 -12.45
CA CYS A 779 7.71 -17.19 -13.47
C CYS A 779 7.51 -15.81 -14.06
N VAL A 780 6.25 -15.46 -14.30
CA VAL A 780 5.84 -14.18 -14.90
C VAL A 780 6.00 -13.05 -13.89
N ALA A 781 5.55 -13.26 -12.62
CA ALA A 781 5.65 -12.25 -11.55
C ALA A 781 7.08 -11.85 -11.26
N THR A 782 7.98 -12.82 -11.09
CA THR A 782 9.40 -12.58 -10.79
C THR A 782 10.08 -11.88 -11.92
N TYR A 783 9.79 -12.25 -13.18
CA TYR A 783 10.35 -11.60 -14.37
C TYR A 783 9.90 -10.15 -14.50
N VAL A 784 8.57 -9.88 -14.48
CA VAL A 784 7.98 -8.55 -14.60
C VAL A 784 8.52 -7.64 -13.49
N LEU A 785 8.58 -8.16 -12.23
CA LEU A 785 9.05 -7.39 -11.07
C LEU A 785 10.57 -7.44 -10.87
N GLY A 786 11.29 -8.23 -11.65
CA GLY A 786 12.75 -8.35 -11.54
C GLY A 786 13.24 -8.96 -10.23
N ILE A 787 12.43 -9.89 -9.66
CA ILE A 787 12.77 -10.59 -8.43
C ILE A 787 13.89 -11.53 -8.79
N GLY A 788 15.01 -11.33 -8.12
CA GLY A 788 16.22 -12.11 -8.32
C GLY A 788 16.64 -12.77 -7.03
N ASP A 789 17.85 -13.39 -7.06
CA ASP A 789 18.44 -14.11 -5.91
C ASP A 789 17.47 -15.25 -5.51
N ARG A 790 16.95 -15.94 -6.54
CA ARG A 790 16.02 -17.05 -6.34
C ARG A 790 16.81 -18.33 -6.21
N HIS A 791 16.58 -19.05 -5.09
CA HIS A 791 17.17 -20.35 -4.79
C HIS A 791 16.18 -21.23 -4.03
N SER A 792 16.60 -22.47 -3.72
CA SER A 792 15.76 -23.51 -3.13
C SER A 792 15.19 -23.17 -1.75
N ASP A 793 15.83 -22.29 -0.99
CA ASP A 793 15.36 -21.96 0.35
C ASP A 793 14.39 -20.75 0.38
N ASN A 794 14.17 -20.11 -0.76
CA ASN A 794 13.25 -18.98 -0.80
C ASN A 794 12.10 -19.24 -1.78
N ILE A 795 11.94 -20.53 -2.15
CA ILE A 795 10.86 -21.06 -2.99
C ILE A 795 10.24 -22.17 -2.15
N MET A 796 8.90 -22.13 -2.02
CA MET A 796 8.11 -23.05 -1.24
C MET A 796 7.05 -23.74 -2.09
N ILE A 797 6.50 -24.82 -1.56
CA ILE A 797 5.47 -25.61 -2.18
C ILE A 797 4.49 -26.02 -1.11
N ARG A 798 3.21 -25.92 -1.43
CA ARG A 798 2.10 -26.33 -0.60
C ARG A 798 1.79 -27.80 -0.96
N GLU A 799 1.19 -28.55 -0.01
CA GLU A 799 0.85 -29.97 -0.22
C GLU A 799 -0.12 -30.19 -1.39
N SER A 800 -0.92 -29.15 -1.68
CA SER A 800 -1.86 -29.06 -2.79
C SER A 800 -1.12 -29.02 -4.16
N GLY A 801 0.20 -28.77 -4.14
CA GLY A 801 1.01 -28.69 -5.35
C GLY A 801 1.45 -27.29 -5.69
N GLN A 802 0.75 -26.28 -5.12
CA GLN A 802 1.00 -24.86 -5.34
C GLN A 802 2.38 -24.40 -4.95
N LEU A 803 3.11 -23.83 -5.93
CA LEU A 803 4.46 -23.28 -5.72
C LEU A 803 4.34 -21.80 -5.38
N PHE A 804 5.22 -21.29 -4.50
CA PHE A 804 5.22 -19.86 -4.16
C PHE A 804 6.59 -19.37 -3.72
N HIS A 805 6.81 -18.07 -3.85
CA HIS A 805 8.07 -17.42 -3.49
C HIS A 805 7.97 -16.67 -2.15
N ILE A 806 9.07 -16.60 -1.42
CA ILE A 806 9.20 -15.85 -0.17
C ILE A 806 10.45 -14.93 -0.29
N ASP A 807 10.65 -14.02 0.69
CA ASP A 807 11.79 -13.11 0.86
C ASP A 807 12.08 -12.24 -0.37
N PHE A 808 11.32 -11.15 -0.52
CA PHE A 808 11.41 -10.22 -1.64
C PHE A 808 12.25 -8.94 -1.35
N GLY A 809 13.48 -9.15 -0.88
CA GLY A 809 14.39 -8.06 -0.54
C GLY A 809 15.03 -7.34 -1.73
N HIS A 810 15.02 -7.98 -2.89
CA HIS A 810 15.58 -7.41 -4.12
C HIS A 810 14.64 -7.56 -5.29
N PHE A 811 14.29 -6.42 -5.90
CA PHE A 811 13.40 -6.35 -7.06
C PHE A 811 13.86 -5.26 -8.02
N LEU A 812 13.16 -5.13 -9.14
CA LEU A 812 13.40 -4.15 -10.19
C LEU A 812 14.83 -4.19 -10.69
N GLY A 813 15.39 -5.40 -10.75
CA GLY A 813 16.73 -5.66 -11.27
C GLY A 813 17.83 -5.73 -10.23
N ASN A 814 17.61 -5.15 -9.04
CA ASN A 814 18.57 -5.12 -7.94
C ASN A 814 18.65 -6.46 -7.24
N ARG A 823 22.53 -3.28 -10.06
CA ARG A 823 21.35 -3.15 -10.91
C ARG A 823 21.56 -3.88 -12.26
N GLU A 824 20.93 -5.08 -12.41
CA GLU A 824 21.05 -5.91 -13.62
C GLU A 824 19.70 -6.42 -14.14
N ARG A 825 19.46 -6.29 -15.46
CA ARG A 825 18.23 -6.76 -16.11
C ARG A 825 18.10 -8.28 -15.91
N VAL A 826 17.21 -8.64 -14.96
CA VAL A 826 16.92 -10.02 -14.53
C VAL A 826 16.29 -10.85 -15.69
N PRO A 827 17.02 -11.88 -16.19
CA PRO A 827 16.47 -12.71 -17.27
C PRO A 827 15.31 -13.57 -16.79
N PHE A 828 14.52 -14.11 -17.73
CA PHE A 828 13.43 -15.02 -17.44
C PHE A 828 14.07 -16.33 -16.93
N ILE A 829 13.47 -16.95 -15.90
CA ILE A 829 14.04 -18.14 -15.29
C ILE A 829 13.12 -19.38 -15.45
N LEU A 830 13.71 -20.48 -15.96
CA LEU A 830 13.13 -21.81 -16.11
C LEU A 830 14.14 -22.77 -15.43
N THR A 831 13.71 -23.40 -14.32
CA THR A 831 14.46 -24.34 -13.52
C THR A 831 14.07 -25.74 -13.89
N TYR A 832 15.07 -26.60 -14.18
CA TYR A 832 14.90 -27.98 -14.58
C TYR A 832 14.04 -28.84 -13.63
N ASP A 833 14.20 -28.66 -12.30
CA ASP A 833 13.48 -29.43 -11.26
C ASP A 833 11.95 -29.18 -11.32
N PHE A 834 11.55 -27.98 -11.77
CA PHE A 834 10.15 -27.61 -11.93
C PHE A 834 9.62 -28.07 -13.30
N VAL A 835 10.49 -28.02 -14.36
CA VAL A 835 10.16 -28.49 -15.72
C VAL A 835 9.91 -29.99 -15.67
N HIS A 836 10.69 -30.71 -14.83
CA HIS A 836 10.55 -32.14 -14.58
C HIS A 836 9.15 -32.52 -14.02
N VAL A 837 8.63 -31.78 -13.00
CA VAL A 837 7.27 -31.93 -12.45
C VAL A 837 6.18 -31.59 -13.51
N ILE A 838 6.30 -30.41 -14.15
CA ILE A 838 5.39 -29.97 -15.20
C ILE A 838 5.20 -31.10 -16.26
N GLN A 839 6.32 -31.79 -16.63
CA GLN A 839 6.35 -32.89 -17.59
C GLN A 839 5.93 -34.25 -17.01
N GLN A 840 5.31 -34.28 -15.81
CA GLN A 840 4.82 -35.46 -15.09
C GLN A 840 5.92 -36.53 -14.87
N GLY A 841 7.15 -36.05 -14.68
CA GLY A 841 8.32 -36.89 -14.43
C GLY A 841 8.95 -37.49 -15.67
N LYS A 842 8.37 -37.19 -16.85
CA LYS A 842 8.85 -37.71 -18.15
C LYS A 842 9.92 -36.81 -18.73
N THR A 843 10.89 -37.42 -19.50
CA THR A 843 12.00 -36.69 -20.15
C THR A 843 11.43 -35.75 -21.22
N ASN A 844 10.54 -36.28 -22.08
CA ASN A 844 9.93 -35.47 -23.12
C ASN A 844 8.40 -35.45 -22.97
N ASN A 845 7.86 -34.27 -22.77
CA ASN A 845 6.42 -34.09 -22.60
C ASN A 845 6.11 -32.69 -23.02
N SER A 846 6.20 -32.46 -24.33
CA SER A 846 5.97 -31.19 -25.00
C SER A 846 4.53 -30.76 -24.86
N GLU A 847 3.58 -31.73 -24.82
CA GLU A 847 2.17 -31.43 -24.61
C GLU A 847 2.01 -30.68 -23.30
N LYS A 848 2.60 -31.22 -22.20
CA LYS A 848 2.53 -30.59 -20.89
C LYS A 848 3.33 -29.29 -20.82
N PHE A 849 4.57 -29.30 -21.33
CA PHE A 849 5.46 -28.14 -21.31
C PHE A 849 4.90 -26.95 -22.11
N GLU A 850 4.37 -27.20 -23.30
CA GLU A 850 3.87 -26.10 -24.13
C GLU A 850 2.54 -25.55 -23.59
N ARG A 851 1.79 -26.38 -22.83
CA ARG A 851 0.59 -25.93 -22.14
C ARG A 851 1.01 -24.94 -21.02
N PHE A 852 2.21 -25.14 -20.46
CA PHE A 852 2.81 -24.26 -19.44
C PHE A 852 3.26 -22.91 -20.06
N ARG A 853 3.89 -22.95 -21.24
CA ARG A 853 4.30 -21.76 -22.01
C ARG A 853 3.07 -20.88 -22.34
N GLY A 854 1.95 -21.51 -22.70
CA GLY A 854 0.68 -20.84 -22.96
C GLY A 854 0.19 -20.09 -21.74
N TYR A 855 0.26 -20.73 -20.54
CA TYR A 855 -0.15 -20.09 -19.29
C TYR A 855 0.72 -18.89 -19.03
N CYS A 856 2.02 -19.00 -19.31
CA CYS A 856 2.98 -17.91 -19.17
C CYS A 856 2.65 -16.76 -20.10
N GLU A 857 2.38 -17.06 -21.39
CA GLU A 857 2.07 -16.05 -22.39
C GLU A 857 0.77 -15.32 -22.09
N ARG A 858 -0.30 -16.07 -21.79
CA ARG A 858 -1.59 -15.49 -21.45
C ARG A 858 -1.39 -14.50 -20.29
N ALA A 859 -0.79 -14.98 -19.15
CA ALA A 859 -0.50 -14.19 -17.96
C ALA A 859 0.26 -12.93 -18.27
N TYR A 860 1.33 -13.04 -19.07
CA TYR A 860 2.16 -11.90 -19.46
C TYR A 860 1.37 -10.81 -20.21
N THR A 861 0.57 -11.21 -21.25
CA THR A 861 -0.20 -10.29 -22.09
C THR A 861 -1.37 -9.62 -21.33
N ILE A 862 -1.89 -10.26 -20.25
CA ILE A 862 -2.93 -9.66 -19.40
C ILE A 862 -2.29 -8.50 -18.56
N LEU A 863 -1.10 -8.71 -18.01
CA LEU A 863 -0.41 -7.69 -17.23
C LEU A 863 -0.09 -6.46 -18.07
N ARG A 864 0.43 -6.65 -19.31
CA ARG A 864 0.74 -5.60 -20.28
C ARG A 864 -0.42 -4.63 -20.52
N ARG A 865 -1.64 -5.17 -20.67
CA ARG A 865 -2.89 -4.44 -20.88
C ARG A 865 -3.26 -3.57 -19.69
N HIS A 866 -2.60 -3.80 -18.53
CA HIS A 866 -2.74 -3.05 -17.28
C HIS A 866 -1.40 -2.43 -16.91
N GLY A 867 -0.49 -2.31 -17.88
CA GLY A 867 0.84 -1.75 -17.66
C GLY A 867 0.84 -0.36 -17.05
N LEU A 868 -0.04 0.52 -17.56
CA LEU A 868 -0.19 1.87 -17.03
C LEU A 868 -0.59 1.88 -15.55
N LEU A 869 -1.43 0.91 -15.10
CA LEU A 869 -1.75 0.76 -13.69
C LEU A 869 -0.49 0.46 -12.84
N PHE A 870 0.33 -0.53 -13.27
CA PHE A 870 1.55 -0.87 -12.56
C PHE A 870 2.49 0.31 -12.55
N LEU A 871 2.63 1.03 -13.68
CA LEU A 871 3.47 2.25 -13.76
C LEU A 871 3.01 3.36 -12.82
N HIS A 872 1.67 3.65 -12.81
CA HIS A 872 1.06 4.64 -11.92
C HIS A 872 1.22 4.32 -10.45
N LEU A 873 1.05 3.05 -10.07
CA LEU A 873 1.19 2.63 -8.67
C LEU A 873 2.64 2.65 -8.24
N PHE A 874 3.57 2.19 -9.11
CA PHE A 874 4.99 2.25 -8.77
C PHE A 874 5.53 3.69 -8.67
N ALA A 875 5.01 4.61 -9.49
CA ALA A 875 5.43 6.02 -9.45
C ALA A 875 5.00 6.64 -8.15
N LEU A 876 3.81 6.26 -7.66
CA LEU A 876 3.29 6.75 -6.39
C LEU A 876 4.12 6.24 -5.19
N MET A 877 4.67 5.02 -5.34
CA MET A 877 5.50 4.37 -4.34
C MET A 877 6.84 5.05 -4.15
N ARG A 878 7.36 5.81 -5.16
CA ARG A 878 8.62 6.58 -5.07
C ARG A 878 8.72 7.48 -3.82
N ALA A 879 7.54 7.93 -3.29
CA ALA A 879 7.34 8.75 -2.07
C ALA A 879 7.72 8.00 -0.78
N ALA A 880 7.66 6.64 -0.79
CA ALA A 880 7.93 5.76 0.36
C ALA A 880 9.36 5.83 0.82
N GLY A 881 10.27 6.06 -0.11
CA GLY A 881 11.70 6.08 0.16
C GLY A 881 12.24 4.68 0.33
N LEU A 882 12.01 3.82 -0.69
CA LEU A 882 12.53 2.45 -0.73
C LEU A 882 13.85 2.55 -1.53
N PRO A 883 14.98 2.09 -0.98
CA PRO A 883 16.27 2.24 -1.70
C PRO A 883 16.27 1.74 -3.16
N GLU A 884 15.48 0.69 -3.44
CA GLU A 884 15.37 0.11 -4.79
C GLU A 884 14.29 0.75 -5.66
N LEU A 885 13.57 1.76 -5.14
CA LEU A 885 12.57 2.52 -5.90
C LEU A 885 12.71 4.00 -5.52
N SER A 886 13.68 4.67 -6.14
CA SER A 886 14.03 6.06 -5.83
C SER A 886 14.20 7.00 -7.03
N CYS A 887 14.19 6.45 -8.28
CA CYS A 887 14.33 7.22 -9.53
C CYS A 887 13.66 6.56 -10.74
N SER A 888 13.92 7.11 -11.94
CA SER A 888 13.40 6.66 -13.23
C SER A 888 14.01 5.32 -13.65
N LYS A 889 15.28 5.04 -13.28
CA LYS A 889 16.00 3.79 -13.58
C LYS A 889 15.19 2.57 -13.16
N ASP A 890 14.57 2.63 -11.96
CA ASP A 890 13.76 1.57 -11.36
C ASP A 890 12.43 1.34 -12.12
N ILE A 891 11.69 2.44 -12.46
CA ILE A 891 10.43 2.39 -13.23
C ILE A 891 10.72 1.94 -14.66
N GLN A 892 11.95 2.20 -15.15
CA GLN A 892 12.42 1.79 -16.47
C GLN A 892 12.45 0.28 -16.55
N TYR A 893 12.84 -0.42 -15.46
CA TYR A 893 12.85 -1.88 -15.43
C TYR A 893 11.42 -2.40 -15.80
N LEU A 894 10.36 -1.85 -15.15
CA LEU A 894 8.96 -2.18 -15.41
C LEU A 894 8.51 -1.91 -16.83
N LYS A 895 8.89 -0.73 -17.40
CA LYS A 895 8.58 -0.35 -18.78
C LYS A 895 9.22 -1.31 -19.74
N ASP A 896 10.46 -1.78 -19.43
CA ASP A 896 11.19 -2.75 -20.25
C ASP A 896 10.59 -4.15 -20.17
N SER A 897 10.47 -4.71 -18.95
CA SER A 897 9.94 -6.04 -18.67
C SER A 897 8.51 -6.24 -19.15
N LEU A 898 7.67 -5.18 -19.14
CA LEU A 898 6.30 -5.25 -19.67
C LEU A 898 6.26 -4.89 -21.15
N ALA A 899 7.38 -4.33 -21.72
CA ALA A 899 7.53 -3.95 -23.14
C ALA A 899 6.38 -3.06 -23.61
N LEU A 900 6.08 -2.01 -22.82
CA LEU A 900 4.92 -1.15 -23.03
C LEU A 900 4.98 -0.21 -24.23
N GLY A 901 6.18 0.05 -24.75
CA GLY A 901 6.40 0.86 -25.93
C GLY A 901 6.15 0.13 -27.23
N LYS A 902 5.94 -1.21 -27.17
CA LYS A 902 5.73 -2.08 -28.34
C LYS A 902 4.27 -2.54 -28.50
N THR A 903 3.96 -3.09 -29.68
CA THR A 903 2.63 -3.63 -30.00
C THR A 903 2.53 -4.98 -29.30
N GLU A 904 1.30 -5.53 -29.15
CA GLU A 904 1.15 -6.83 -28.49
C GLU A 904 1.93 -7.95 -29.21
N GLU A 905 2.02 -7.87 -30.54
CA GLU A 905 2.75 -8.84 -31.34
C GLU A 905 4.25 -8.70 -31.14
N GLU A 906 4.77 -7.45 -31.12
CA GLU A 906 6.19 -7.15 -30.95
C GLU A 906 6.66 -7.53 -29.55
N ALA A 907 5.81 -7.29 -28.52
CA ALA A 907 6.09 -7.60 -27.12
C ALA A 907 6.02 -9.10 -26.87
N LEU A 908 5.00 -9.77 -27.43
CA LEU A 908 4.82 -11.22 -27.29
C LEU A 908 5.99 -12.00 -27.93
N LYS A 909 6.45 -11.55 -29.11
CA LYS A 909 7.58 -12.13 -29.84
C LYS A 909 8.84 -11.99 -28.99
N HIS A 910 9.01 -10.82 -28.36
CA HIS A 910 10.15 -10.50 -27.52
C HIS A 910 10.13 -11.37 -26.24
N PHE A 911 8.95 -11.53 -25.61
CA PHE A 911 8.78 -12.37 -24.42
C PHE A 911 9.19 -13.80 -24.77
N ARG A 912 8.84 -14.24 -26.00
CA ARG A 912 9.20 -15.55 -26.54
C ARG A 912 10.70 -15.74 -26.73
N VAL A 913 11.43 -14.66 -27.10
CA VAL A 913 12.90 -14.68 -27.25
C VAL A 913 13.49 -14.90 -25.84
N LYS A 914 12.91 -14.20 -24.84
CA LYS A 914 13.32 -14.28 -23.43
C LYS A 914 13.04 -15.66 -22.82
N PHE A 915 11.82 -16.23 -23.07
CA PHE A 915 11.39 -17.54 -22.58
C PHE A 915 12.25 -18.67 -23.19
N ASN A 916 12.52 -18.60 -24.50
CA ASN A 916 13.35 -19.57 -25.20
C ASN A 916 14.80 -19.53 -24.70
N GLU A 917 15.34 -18.32 -24.42
CA GLU A 917 16.69 -18.11 -23.88
C GLU A 917 16.79 -18.78 -22.49
N ALA A 918 15.70 -18.70 -21.72
CA ALA A 918 15.57 -19.29 -20.38
C ALA A 918 15.44 -20.83 -20.47
N LEU A 919 14.87 -21.34 -21.58
CA LEU A 919 14.73 -22.79 -21.78
C LEU A 919 16.09 -23.43 -22.09
N ARG A 920 16.91 -22.80 -22.96
CA ARG A 920 18.26 -23.23 -23.35
C ARG A 920 19.16 -23.21 -22.11
N GLU A 921 18.89 -22.27 -21.20
CA GLU A 921 19.57 -22.10 -19.91
C GLU A 921 19.21 -23.26 -18.97
N SER A 922 17.92 -23.70 -18.98
CA SER A 922 17.41 -24.85 -18.22
C SER A 922 18.03 -26.15 -18.75
N TRP A 923 18.33 -26.19 -20.07
CA TRP A 923 18.93 -27.32 -20.77
C TRP A 923 20.41 -27.57 -20.43
N LYS A 924 21.07 -26.58 -19.80
CA LYS A 924 22.46 -26.68 -19.36
C LYS A 924 22.52 -27.57 -18.09
N THR A 925 21.35 -27.86 -17.48
CA THR A 925 21.16 -28.71 -16.30
C THR A 925 20.48 -30.03 -16.73
N LYS A 926 19.76 -30.00 -17.90
CA LYS A 926 19.08 -31.16 -18.50
C LYS A 926 20.13 -32.04 -19.20
N VAL A 927 21.25 -31.43 -19.67
CA VAL A 927 22.39 -32.10 -20.34
C VAL A 927 23.02 -33.16 -19.40
N ASN A 928 23.06 -32.85 -18.08
CA ASN A 928 23.58 -33.73 -17.05
C ASN A 928 22.52 -34.76 -16.63
N1 NQ5 B . 9.50 -13.61 4.23
C4 NQ5 B . 9.89 -15.61 6.13
C5 NQ5 B . 8.85 -15.72 5.21
C6 NQ5 B . 8.70 -14.68 4.28
C7 NQ5 B . 10.48 -13.53 5.11
C8 NQ5 B . 10.91 -11.31 4.41
C10 NQ5 B . 6.68 -16.97 4.83
C13 NQ5 B . 5.53 -20.44 5.19
C15 NQ5 B . 7.91 -19.35 5.53
C17 NQ5 B . 10.02 -22.09 6.77
C20 NQ5 B . 10.23 -24.37 6.01
C21 NQ5 B . 8.55 -24.38 9.39
C22 NQ5 B . 9.27 -25.50 10.20
C24 NQ5 B . 8.66 -18.20 5.48
O2 NQ5 B . 14.12 -14.85 7.76
S NQ5 B . 13.09 -15.53 7.03
O1 NQ5 B . 12.51 -16.71 7.58
C2 NQ5 B . 13.69 -15.92 5.40
C1 NQ5 B . 14.34 -14.70 4.72
O NQ5 B . 15.56 -14.50 5.41
C NQ5 B . 16.01 -13.15 5.32
N NQ5 B . 11.90 -14.44 6.88
C3 NQ5 B . 10.75 -14.52 6.07
O3 NQ5 B . 11.27 -12.43 5.21
C9 NQ5 B . 8.04 -16.98 5.14
C14 NQ5 B . 6.55 -19.33 5.24
O4 NQ5 B . 4.29 -19.78 4.90
C12 NQ5 B . 4.49 -18.40 4.59
C11 NQ5 B . 5.93 -18.15 4.88
O5 NQ5 B . 8.45 -20.59 5.81
C16 NQ5 B . 9.79 -20.69 6.27
O6 NQ5 B . 9.99 -22.99 5.65
C19 NQ5 B . 9.24 -24.81 7.06
N2 NQ5 B . 9.33 -23.93 8.22
C18 NQ5 B . 9.03 -22.55 7.81
C23 NQ5 B . 8.76 -23.55 10.67
O7 NQ5 B . 9.01 -24.76 11.43
#